data_6EI9
#
_entry.id   6EI9
#
_cell.length_a   108.480
_cell.length_b   108.480
_cell.length_c   70.310
_cell.angle_alpha   90.00
_cell.angle_beta   90.00
_cell.angle_gamma   90.00
#
_symmetry.space_group_name_H-M   'P 43'
#
loop_
_entity.id
_entity.type
_entity.pdbx_description
1 polymer 'tRNA-dihydrouridine synthase B'
2 non-polymer 'FLAVIN MONONUCLEOTIDE'
3 non-polymer GLYCEROL
4 non-polymer 'SULFATE ION'
5 non-polymer '4-(2-HYDROXYETHYL)-1-PIPERAZINE ETHANESULFONIC ACID'
6 water water
#
_entity_poly.entity_id   1
_entity_poly.type   'polypeptide(L)'
_entity_poly.pdbx_seq_one_letter_code
;MGSSHHHHHHSSGLVPRGSMRIGQYQLRNRLIAAPMAGITDRPFRTLCYEMGAGLTVSEMMSSNPQVWESDKSRLRMVHI
DEPGIRTVQIAGSDPKEMADAARINVESGAQIIDINMGCPAKKVNRKLAGSALLQYPDVVKSILTEVVNAVDVPVTLKIR
TGWAPEHRNCEEIAQLAEDCGIQALTIHGRTRACLFNGEAEYDSIRAVKQKVSIPVIANGDITDPLKARAVLDYTGADAL
MIGRAAQGRPWIFREIQHYLDTGELLPPLPLAEVKRLLCAHVRELHDFYGPAKGYRIARKHVSWYLQEHAPNDQFRRTFN
AIEDASEQLEALEAYFENFA
;
_entity_poly.pdbx_strand_id   A,B
#
loop_
_chem_comp.id
_chem_comp.type
_chem_comp.name
_chem_comp.formula
EPE non-polymer '4-(2-HYDROXYETHYL)-1-PIPERAZINE ETHANESULFONIC ACID' 'C8 H18 N2 O4 S'
FMN non-polymer 'FLAVIN MONONUCLEOTIDE' 'C17 H21 N4 O9 P'
GOL non-polymer GLYCEROL 'C3 H8 O3'
SO4 non-polymer 'SULFATE ION' 'O4 S -2'
#
# COMPACT_ATOMS: atom_id res chain seq x y z
N PRO A 16 14.52 -9.78 -17.83
CA PRO A 16 15.62 -8.88 -17.49
C PRO A 16 16.57 -8.76 -18.66
N ARG A 17 16.92 -7.55 -19.05
CA ARG A 17 17.84 -7.39 -20.15
C ARG A 17 19.22 -7.49 -19.52
N GLY A 18 19.80 -8.68 -19.61
CA GLY A 18 21.10 -8.98 -19.05
C GLY A 18 21.20 -8.75 -17.56
N SER A 19 20.13 -9.06 -16.83
CA SER A 19 20.06 -8.88 -15.38
C SER A 19 20.36 -7.47 -14.85
N MET A 20 20.75 -7.40 -13.59
CA MET A 20 21.05 -6.11 -12.97
C MET A 20 22.50 -6.06 -12.60
N ARG A 21 23.19 -5.03 -13.02
CA ARG A 21 24.61 -4.96 -12.72
C ARG A 21 25.11 -3.67 -12.11
N ILE A 22 25.86 -3.80 -11.02
CA ILE A 22 26.53 -2.67 -10.35
C ILE A 22 28.01 -2.95 -10.59
N GLY A 23 28.57 -2.27 -11.59
CA GLY A 23 29.95 -2.44 -12.01
C GLY A 23 30.19 -3.81 -12.63
N GLN A 24 31.16 -4.57 -12.09
CA GLN A 24 31.51 -5.92 -12.53
C GLN A 24 30.55 -6.97 -11.98
N TYR A 25 29.75 -6.60 -10.96
CA TYR A 25 28.82 -7.49 -10.27
C TYR A 25 27.44 -7.56 -10.88
N GLN A 26 27.06 -8.75 -11.30
CA GLN A 26 25.75 -8.98 -11.85
C GLN A 26 24.94 -9.51 -10.68
N LEU A 27 23.73 -9.01 -10.50
CA LEU A 27 22.91 -9.44 -9.37
C LEU A 27 22.03 -10.60 -9.78
N ARG A 28 21.72 -11.45 -8.81
CA ARG A 28 20.91 -12.63 -9.12
C ARG A 28 19.50 -12.28 -9.50
N ASN A 29 19.01 -11.15 -8.95
CA ASN A 29 17.69 -10.62 -9.25
C ASN A 29 17.68 -9.06 -9.19
N ARG A 30 16.52 -8.44 -9.42
CA ARG A 30 16.44 -7.00 -9.44
C ARG A 30 15.81 -6.46 -8.19
N LEU A 31 15.98 -7.18 -7.11
CA LEU A 31 15.41 -6.82 -5.81
C LEU A 31 16.48 -6.55 -4.73
N ILE A 32 16.56 -5.29 -4.28
CA ILE A 32 17.50 -4.83 -3.25
C ILE A 32 16.80 -4.59 -1.89
N ALA A 33 17.37 -5.09 -0.79
CA ALA A 33 16.88 -4.84 0.56
C ALA A 33 17.46 -3.48 0.94
N ALA A 34 16.57 -2.50 1.25
CA ALA A 34 16.96 -1.13 1.61
C ALA A 34 17.85 -1.04 2.83
N PRO A 35 18.87 -0.13 2.88
CA PRO A 35 19.63 0.06 4.13
C PRO A 35 18.75 0.74 5.16
N MET A 36 18.70 0.24 6.40
CA MET A 36 17.87 0.81 7.45
C MET A 36 18.57 0.75 8.77
N ALA A 37 19.30 1.82 9.13
CA ALA A 37 20.04 2.01 10.39
C ALA A 37 19.17 1.62 11.62
N GLY A 38 19.69 0.68 12.42
CA GLY A 38 18.98 0.11 13.56
C GLY A 38 18.25 -1.19 13.25
N ILE A 39 17.66 -1.30 12.03
CA ILE A 39 16.90 -2.46 11.55
C ILE A 39 17.78 -3.54 10.89
N THR A 40 18.57 -3.13 9.88
CA THR A 40 19.40 -4.01 9.07
C THR A 40 20.66 -4.46 9.84
N ASP A 41 20.50 -5.39 10.76
CA ASP A 41 21.67 -5.97 11.40
C ASP A 41 22.10 -7.21 10.60
N ARG A 42 23.27 -7.80 10.89
CA ARG A 42 23.72 -8.97 10.12
C ARG A 42 22.64 -10.09 10.16
N PRO A 43 22.05 -10.41 11.30
CA PRO A 43 21.00 -11.43 11.29
C PRO A 43 19.82 -11.13 10.34
N PHE A 44 19.27 -9.91 10.35
CA PHE A 44 18.15 -9.49 9.49
C PHE A 44 18.53 -9.49 8.00
N ARG A 45 19.66 -8.83 7.62
CA ARG A 45 20.13 -8.78 6.22
C ARG A 45 20.32 -10.17 5.62
N THR A 46 20.90 -11.14 6.40
CA THR A 46 21.12 -12.54 6.04
C THR A 46 19.79 -13.26 5.80
N LEU A 47 18.80 -13.01 6.67
CA LEU A 47 17.46 -13.56 6.55
C LEU A 47 16.81 -13.04 5.25
N CYS A 48 16.96 -11.73 4.94
CA CYS A 48 16.46 -11.08 3.71
C CYS A 48 17.06 -11.71 2.47
N TYR A 49 18.37 -11.96 2.51
CA TYR A 49 19.10 -12.58 1.40
C TYR A 49 18.65 -14.02 1.19
N GLU A 50 18.49 -14.80 2.30
CA GLU A 50 18.03 -16.19 2.26
C GLU A 50 16.58 -16.26 1.75
N MET A 51 15.81 -15.17 1.95
CA MET A 51 14.40 -15.02 1.59
C MET A 51 14.16 -14.42 0.20
N GLY A 52 15.22 -14.19 -0.58
CA GLY A 52 15.13 -13.71 -1.96
C GLY A 52 15.78 -12.40 -2.37
N ALA A 53 16.35 -11.62 -1.43
CA ALA A 53 16.99 -10.35 -1.79
C ALA A 53 18.27 -10.59 -2.59
N GLY A 54 18.37 -9.96 -3.78
CA GLY A 54 19.54 -10.07 -4.64
CA GLY A 54 19.54 -10.07 -4.64
C GLY A 54 20.74 -9.37 -4.07
N LEU A 55 20.48 -8.35 -3.22
CA LEU A 55 21.47 -7.51 -2.54
C LEU A 55 20.91 -6.93 -1.25
N THR A 56 21.76 -6.86 -0.20
CA THR A 56 21.45 -6.24 1.10
C THR A 56 22.50 -5.16 1.40
N VAL A 57 22.05 -4.03 1.95
CA VAL A 57 22.93 -2.90 2.23
C VAL A 57 23.06 -2.74 3.75
N SER A 58 24.32 -2.56 4.22
CA SER A 58 24.66 -2.36 5.63
C SER A 58 25.23 -0.96 5.93
N GLU A 59 25.43 -0.69 7.25
CA GLU A 59 25.96 0.55 7.83
C GLU A 59 27.48 0.50 7.89
N MET A 60 28.12 1.68 7.72
CA MET A 60 29.56 1.87 7.87
C MET A 60 29.89 1.64 9.34
N MET A 61 31.19 1.51 9.69
CA MET A 61 31.64 1.28 11.07
C MET A 61 31.36 2.46 12.01
N ASP A 81 32.28 -10.83 6.06
CA ASP A 81 31.49 -11.96 6.59
C ASP A 81 29.97 -11.64 6.52
N GLU A 82 29.48 -11.28 5.31
CA GLU A 82 28.10 -10.88 5.00
C GLU A 82 27.47 -11.66 3.79
N PRO A 83 26.09 -11.69 3.66
CA PRO A 83 25.44 -12.37 2.50
C PRO A 83 25.64 -11.66 1.15
N GLY A 84 25.89 -12.47 0.12
CA GLY A 84 26.10 -12.04 -1.26
C GLY A 84 27.19 -11.03 -1.47
N ILE A 85 26.93 -10.05 -2.33
CA ILE A 85 27.87 -8.94 -2.60
C ILE A 85 27.80 -7.98 -1.43
N ARG A 86 28.94 -7.76 -0.75
CA ARG A 86 29.05 -6.92 0.43
C ARG A 86 28.97 -5.44 0.09
N THR A 87 27.78 -4.83 0.33
CA THR A 87 27.47 -3.42 0.07
C THR A 87 27.36 -2.70 1.40
N VAL A 88 28.22 -1.69 1.61
CA VAL A 88 28.25 -0.90 2.84
C VAL A 88 27.96 0.56 2.47
N GLN A 89 27.02 1.17 3.19
CA GLN A 89 26.66 2.55 2.95
C GLN A 89 27.35 3.50 3.91
N ILE A 90 27.92 4.55 3.35
CA ILE A 90 28.58 5.61 4.08
C ILE A 90 27.71 6.87 4.05
N ALA A 91 27.68 7.61 5.17
CA ALA A 91 26.97 8.87 5.35
C ALA A 91 27.97 9.91 5.94
N GLY A 92 27.68 11.18 5.69
CA GLY A 92 28.52 12.31 6.09
C GLY A 92 28.38 13.49 5.17
N SER A 93 29.12 14.57 5.45
CA SER A 93 29.07 15.82 4.68
C SER A 93 30.45 16.28 4.15
N ASP A 94 31.55 15.76 4.74
CA ASP A 94 32.89 16.17 4.33
C ASP A 94 33.46 15.26 3.26
N PRO A 95 33.75 15.78 2.03
CA PRO A 95 34.34 14.94 0.96
C PRO A 95 35.53 14.08 1.37
N LYS A 96 36.50 14.63 2.14
CA LYS A 96 37.69 13.92 2.62
C LYS A 96 37.38 12.85 3.67
N GLU A 97 36.49 13.15 4.65
CA GLU A 97 36.04 12.21 5.69
C GLU A 97 35.27 11.07 5.05
N MET A 98 34.47 11.39 4.00
CA MET A 98 33.66 10.46 3.22
C MET A 98 34.58 9.46 2.50
N ALA A 99 35.61 9.96 1.81
CA ALA A 99 36.62 9.20 1.08
C ALA A 99 37.37 8.22 2.01
N ASP A 100 37.64 8.63 3.27
CA ASP A 100 38.31 7.80 4.28
C ASP A 100 37.43 6.66 4.76
N ALA A 101 36.14 6.94 5.00
CA ALA A 101 35.12 5.97 5.40
C ALA A 101 34.98 4.91 4.29
N ALA A 102 35.01 5.36 3.00
CA ALA A 102 34.95 4.48 1.83
C ALA A 102 36.17 3.54 1.84
N ARG A 103 37.39 4.08 2.10
CA ARG A 103 38.66 3.34 2.16
C ARG A 103 38.71 2.34 3.32
N ILE A 104 38.32 2.78 4.54
CA ILE A 104 38.32 1.97 5.76
C ILE A 104 37.37 0.78 5.62
N ASN A 105 36.15 1.02 5.08
CA ASN A 105 35.15 -0.03 4.90
C ASN A 105 35.52 -1.01 3.77
N VAL A 106 36.23 -0.56 2.69
CA VAL A 106 36.68 -1.48 1.62
C VAL A 106 37.79 -2.42 2.17
N GLU A 107 38.72 -1.87 2.99
CA GLU A 107 39.78 -2.63 3.66
C GLU A 107 39.16 -3.65 4.63
N SER A 108 37.97 -3.33 5.17
CA SER A 108 37.18 -4.13 6.10
C SER A 108 36.28 -5.18 5.40
N GLY A 109 36.34 -5.22 4.06
CA GLY A 109 35.61 -6.19 3.26
C GLY A 109 34.48 -5.70 2.37
N ALA A 110 34.23 -4.38 2.28
CA ALA A 110 33.15 -3.89 1.42
C ALA A 110 33.52 -3.97 -0.06
N GLN A 111 32.66 -4.67 -0.84
CA GLN A 111 32.81 -4.88 -2.29
C GLN A 111 32.19 -3.73 -3.09
N ILE A 112 31.12 -3.12 -2.55
CA ILE A 112 30.44 -1.95 -3.12
C ILE A 112 30.27 -0.94 -1.97
N ILE A 113 30.54 0.34 -2.25
CA ILE A 113 30.32 1.42 -1.30
C ILE A 113 29.13 2.25 -1.80
N ASP A 114 28.14 2.46 -0.92
CA ASP A 114 26.97 3.29 -1.25
C ASP A 114 27.08 4.62 -0.50
N ILE A 115 26.52 5.68 -1.06
CA ILE A 115 26.52 7.01 -0.42
C ILE A 115 25.09 7.41 -0.05
N ASN A 116 24.85 7.70 1.24
CA ASN A 116 23.54 8.16 1.69
C ASN A 116 23.35 9.66 1.41
N MET A 117 22.45 9.98 0.48
CA MET A 117 22.04 11.36 0.18
C MET A 117 20.51 11.38 0.14
N GLY A 118 19.91 10.48 0.92
CA GLY A 118 18.47 10.38 0.97
C GLY A 118 17.78 10.69 2.27
N CYS A 119 18.35 10.26 3.43
CA CYS A 119 17.74 10.45 4.76
CA CYS A 119 17.74 10.45 4.76
C CYS A 119 17.37 11.91 5.05
N PRO A 120 16.16 12.16 5.56
CA PRO A 120 15.61 13.51 5.67
C PRO A 120 15.95 14.29 6.95
N ALA A 121 16.47 13.62 7.96
CA ALA A 121 16.82 14.27 9.22
C ALA A 121 18.06 13.60 9.79
N LYS A 122 19.05 13.38 8.92
CA LYS A 122 20.28 12.70 9.31
C LYS A 122 21.39 13.65 9.64
N LYS A 123 21.96 13.48 10.82
CA LYS A 123 23.10 14.24 11.30
C LYS A 123 24.25 13.25 11.45
N VAL A 124 25.43 13.60 10.89
CA VAL A 124 26.65 12.81 10.99
C VAL A 124 27.74 13.79 11.40
N ASN A 125 28.31 13.54 12.60
CA ASN A 125 29.31 14.34 13.30
C ASN A 125 28.73 15.76 13.57
N ARG A 126 27.46 15.77 14.02
CA ARG A 126 26.61 16.93 14.34
C ARG A 126 26.16 17.76 13.11
N LYS A 127 26.74 17.50 11.92
CA LYS A 127 26.43 18.21 10.67
C LYS A 127 25.31 17.55 9.93
N LEU A 128 24.46 18.34 9.24
CA LEU A 128 23.33 17.86 8.44
C LEU A 128 23.84 17.16 7.20
N ALA A 129 23.47 15.89 7.06
CA ALA A 129 23.86 15.00 5.95
C ALA A 129 22.58 14.42 5.32
N GLY A 130 22.74 13.40 4.47
CA GLY A 130 21.62 12.78 3.78
C GLY A 130 21.13 13.69 2.67
N SER A 131 19.79 13.83 2.54
CA SER A 131 19.15 14.68 1.52
C SER A 131 19.40 16.19 1.75
N ALA A 132 19.93 16.59 2.93
CA ALA A 132 20.31 17.97 3.21
C ALA A 132 21.36 18.39 2.17
N LEU A 133 22.26 17.47 1.80
CA LEU A 133 23.29 17.65 0.78
C LEU A 133 22.72 17.95 -0.60
N LEU A 134 21.51 17.45 -0.90
CA LEU A 134 20.81 17.64 -2.19
C LEU A 134 20.47 19.08 -2.52
N GLN A 135 20.56 20.00 -1.54
CA GLN A 135 20.27 21.43 -1.71
C GLN A 135 21.46 22.12 -2.34
N TYR A 136 22.64 21.50 -2.26
CA TYR A 136 23.90 22.09 -2.71
C TYR A 136 24.67 21.20 -3.70
N PRO A 137 24.37 21.28 -5.02
CA PRO A 137 25.11 20.43 -6.00
C PRO A 137 26.64 20.50 -5.97
N ASP A 138 27.23 21.55 -5.37
CA ASP A 138 28.68 21.72 -5.25
C ASP A 138 29.27 20.82 -4.18
N VAL A 139 28.54 20.59 -3.05
CA VAL A 139 28.97 19.69 -1.99
C VAL A 139 28.80 18.25 -2.50
N VAL A 140 27.68 18.00 -3.24
CA VAL A 140 27.34 16.74 -3.90
C VAL A 140 28.49 16.37 -4.84
N LYS A 141 28.81 17.26 -5.82
CA LYS A 141 29.90 17.08 -6.80
C LYS A 141 31.22 16.68 -6.12
N SER A 142 31.59 17.39 -5.03
CA SER A 142 32.81 17.18 -4.25
C SER A 142 32.87 15.82 -3.53
N ILE A 143 31.77 15.42 -2.83
CA ILE A 143 31.66 14.14 -2.10
C ILE A 143 31.76 12.96 -3.08
N LEU A 144 30.99 13.00 -4.19
CA LEU A 144 30.96 11.96 -5.21
C LEU A 144 32.32 11.79 -5.88
N THR A 145 32.94 12.90 -6.33
CA THR A 145 34.28 12.88 -6.94
C THR A 145 35.29 12.21 -6.00
N GLU A 146 35.43 12.73 -4.76
CA GLU A 146 36.37 12.24 -3.73
C GLU A 146 36.17 10.79 -3.33
N VAL A 147 34.92 10.32 -3.18
CA VAL A 147 34.63 8.93 -2.79
C VAL A 147 34.94 7.97 -3.93
N VAL A 148 34.58 8.35 -5.17
CA VAL A 148 34.79 7.54 -6.37
C VAL A 148 36.29 7.33 -6.63
N ASN A 149 37.14 8.38 -6.50
CA ASN A 149 38.56 8.21 -6.75
C ASN A 149 39.35 7.69 -5.53
N ALA A 150 38.66 7.46 -4.39
CA ALA A 150 39.29 6.94 -3.17
C ALA A 150 39.37 5.44 -3.17
N VAL A 151 38.33 4.77 -3.69
CA VAL A 151 38.21 3.32 -3.74
C VAL A 151 38.19 2.80 -5.18
N ASP A 152 38.73 1.58 -5.37
CA ASP A 152 38.83 0.86 -6.65
C ASP A 152 37.61 -0.11 -6.79
N VAL A 153 36.59 0.14 -5.97
CA VAL A 153 35.35 -0.60 -5.78
C VAL A 153 34.19 0.18 -6.45
N PRO A 154 33.09 -0.47 -6.95
CA PRO A 154 31.97 0.32 -7.52
C PRO A 154 31.31 1.20 -6.45
N VAL A 155 31.08 2.48 -6.78
CA VAL A 155 30.44 3.43 -5.85
C VAL A 155 29.04 3.77 -6.35
N THR A 156 28.03 3.59 -5.48
CA THR A 156 26.63 3.89 -5.81
C THR A 156 26.10 5.03 -4.93
N LEU A 157 24.99 5.66 -5.35
CA LEU A 157 24.37 6.78 -4.65
C LEU A 157 22.86 6.58 -4.41
N LYS A 158 22.41 6.84 -3.18
CA LYS A 158 21.00 6.76 -2.79
C LYS A 158 20.51 8.16 -2.54
N ILE A 159 19.51 8.62 -3.31
CA ILE A 159 18.97 9.99 -3.19
C ILE A 159 17.45 10.02 -2.97
N ARG A 160 16.93 11.24 -3.04
CA ARG A 160 15.53 11.62 -2.97
C ARG A 160 15.22 12.56 -4.15
N THR A 161 13.95 12.85 -4.41
CA THR A 161 13.52 13.73 -5.54
C THR A 161 14.25 15.08 -5.54
N GLY A 162 14.46 15.63 -4.34
CA GLY A 162 15.07 16.91 -4.08
C GLY A 162 14.89 17.23 -2.60
N TRP A 163 15.00 18.51 -2.23
CA TRP A 163 14.87 18.98 -0.84
C TRP A 163 13.40 19.23 -0.48
N ALA A 164 12.66 19.86 -1.38
CA ALA A 164 11.26 20.19 -1.15
C ALA A 164 10.47 20.00 -2.46
N PRO A 165 9.11 19.89 -2.44
CA PRO A 165 8.35 19.74 -3.69
C PRO A 165 8.66 20.77 -4.79
N GLU A 166 8.97 22.03 -4.40
CA GLU A 166 9.35 23.14 -5.28
C GLU A 166 10.79 22.99 -5.82
N HIS A 167 11.59 22.15 -5.16
CA HIS A 167 13.00 21.94 -5.46
C HIS A 167 13.38 20.50 -5.77
N ARG A 168 12.82 19.93 -6.85
CA ARG A 168 13.18 18.58 -7.29
C ARG A 168 14.31 18.77 -8.31
N ASN A 169 15.55 18.41 -7.92
CA ASN A 169 16.77 18.52 -8.73
C ASN A 169 17.34 17.14 -9.09
N CYS A 170 16.45 16.17 -9.08
CA CYS A 170 16.58 14.75 -9.37
C CYS A 170 17.44 14.42 -10.59
N GLU A 171 17.11 15.01 -11.73
CA GLU A 171 17.78 14.80 -13.01
C GLU A 171 19.17 15.41 -12.99
N GLU A 172 19.31 16.60 -12.35
CA GLU A 172 20.58 17.31 -12.21
C GLU A 172 21.55 16.46 -11.39
N ILE A 173 21.10 15.96 -10.21
CA ILE A 173 21.89 15.15 -9.28
C ILE A 173 22.25 13.79 -9.89
N ALA A 174 21.33 13.20 -10.69
CA ALA A 174 21.54 11.95 -11.40
C ALA A 174 22.63 12.08 -12.48
N GLN A 175 22.56 13.14 -13.31
CA GLN A 175 23.47 13.48 -14.41
C GLN A 175 24.85 13.77 -13.85
N LEU A 176 24.92 14.46 -12.69
CA LEU A 176 26.16 14.79 -12.02
C LEU A 176 26.78 13.53 -11.44
N ALA A 177 25.98 12.66 -10.76
CA ALA A 177 26.43 11.39 -10.20
C ALA A 177 27.12 10.52 -11.26
N GLU A 178 26.51 10.43 -12.44
CA GLU A 178 27.03 9.69 -13.59
C GLU A 178 28.38 10.28 -14.06
N ASP A 179 28.51 11.63 -14.06
CA ASP A 179 29.72 12.37 -14.45
C ASP A 179 30.88 12.20 -13.45
N CYS A 180 30.54 12.02 -12.16
CA CYS A 180 31.48 11.82 -11.06
C CYS A 180 32.02 10.38 -10.95
N GLY A 181 31.38 9.44 -11.65
CA GLY A 181 31.78 8.03 -11.68
C GLY A 181 30.94 7.07 -10.88
N ILE A 182 29.71 7.48 -10.48
CA ILE A 182 28.75 6.64 -9.75
C ILE A 182 28.28 5.55 -10.71
N GLN A 183 28.17 4.30 -10.22
CA GLN A 183 27.88 3.17 -11.10
C GLN A 183 26.45 2.62 -10.97
N ALA A 184 25.64 3.20 -10.07
CA ALA A 184 24.22 2.88 -9.85
C ALA A 184 23.57 3.97 -9.00
N LEU A 185 22.30 4.26 -9.26
CA LEU A 185 21.60 5.31 -8.52
C LEU A 185 20.24 4.83 -8.00
N THR A 186 20.00 4.94 -6.68
CA THR A 186 18.70 4.60 -6.09
C THR A 186 17.98 5.91 -5.84
N ILE A 187 16.70 5.97 -6.21
CA ILE A 187 15.87 7.14 -5.98
C ILE A 187 14.65 6.74 -5.14
N HIS A 188 14.49 7.34 -3.99
CA HIS A 188 13.27 7.14 -3.26
C HIS A 188 12.41 8.23 -3.84
N GLY A 189 11.17 7.90 -4.17
CA GLY A 189 10.21 8.80 -4.80
C GLY A 189 9.52 9.78 -3.88
N ARG A 190 10.27 10.48 -3.05
CA ARG A 190 9.79 11.48 -2.13
C ARG A 190 10.89 12.50 -1.99
N THR A 191 10.53 13.73 -1.73
CA THR A 191 11.50 14.77 -1.48
C THR A 191 11.86 14.72 -0.02
N ARG A 192 12.85 15.50 0.38
CA ARG A 192 13.27 15.54 1.78
C ARG A 192 12.14 15.98 2.68
N ALA A 193 11.35 16.96 2.22
CA ALA A 193 10.19 17.48 2.96
CA ALA A 193 10.17 17.49 2.94
C ALA A 193 8.90 16.61 3.27
N CYS A 194 8.81 15.68 2.35
CA CYS A 194 7.81 14.65 2.28
C CYS A 194 7.92 13.70 3.45
N LEU A 195 9.15 13.46 3.91
CA LEU A 195 9.45 12.59 5.03
C LEU A 195 8.89 11.26 4.67
N PHE A 196 8.03 10.73 5.52
CA PHE A 196 7.40 9.47 5.21
C PHE A 196 5.92 9.66 5.02
N ASN A 197 5.54 10.88 4.65
CA ASN A 197 4.16 11.23 4.42
C ASN A 197 3.71 11.06 2.99
N GLY A 198 2.39 11.06 2.82
CA GLY A 198 1.73 10.89 1.53
C GLY A 198 2.11 9.59 0.87
N GLU A 199 2.25 9.63 -0.46
CA GLU A 199 2.64 8.49 -1.28
C GLU A 199 3.91 8.83 -2.05
N ALA A 200 4.69 7.81 -2.38
CA ALA A 200 5.89 7.95 -3.18
C ALA A 200 5.42 8.11 -4.61
N GLU A 201 6.17 8.87 -5.39
CA GLU A 201 5.86 9.09 -6.81
C GLU A 201 6.98 8.48 -7.66
N TYR A 202 6.64 8.02 -8.87
CA TYR A 202 7.58 7.33 -9.75
C TYR A 202 7.84 8.12 -11.04
N ASP A 203 7.35 9.34 -11.09
CA ASP A 203 7.48 10.21 -12.27
C ASP A 203 8.93 10.71 -12.41
N SER A 204 9.52 11.16 -11.27
CA SER A 204 10.89 11.62 -11.15
C SER A 204 11.87 10.50 -11.51
N ILE A 205 11.64 9.26 -10.98
CA ILE A 205 12.40 8.02 -11.26
C ILE A 205 12.41 7.74 -12.77
N ARG A 206 11.20 7.78 -13.39
CA ARG A 206 10.94 7.56 -14.83
C ARG A 206 11.74 8.55 -15.67
N ALA A 207 11.72 9.86 -15.28
CA ALA A 207 12.42 10.94 -15.97
C ALA A 207 13.94 10.78 -15.89
N VAL A 208 14.47 10.45 -14.70
CA VAL A 208 15.89 10.20 -14.48
C VAL A 208 16.35 9.04 -15.38
N LYS A 209 15.67 7.90 -15.33
CA LYS A 209 16.05 6.74 -16.14
C LYS A 209 16.17 7.04 -17.62
N GLN A 210 15.31 7.89 -18.12
CA GLN A 210 15.35 8.32 -19.52
C GLN A 210 16.54 9.25 -19.86
N LYS A 211 17.10 9.97 -18.86
CA LYS A 211 18.22 10.91 -19.03
C LYS A 211 19.60 10.29 -18.81
N VAL A 212 19.69 9.35 -17.87
CA VAL A 212 20.92 8.74 -17.40
C VAL A 212 21.20 7.36 -18.00
N SER A 213 22.50 6.99 -18.16
CA SER A 213 22.94 5.69 -18.71
C SER A 213 23.24 4.62 -17.64
N ILE A 214 23.50 5.05 -16.40
CA ILE A 214 23.78 4.15 -15.27
C ILE A 214 22.49 3.46 -14.80
N PRO A 215 22.57 2.23 -14.20
CA PRO A 215 21.36 1.60 -13.68
C PRO A 215 20.68 2.43 -12.58
N VAL A 216 19.35 2.59 -12.69
CA VAL A 216 18.51 3.32 -11.75
C VAL A 216 17.66 2.29 -10.98
N ILE A 217 17.64 2.41 -9.64
CA ILE A 217 16.88 1.57 -8.69
C ILE A 217 15.71 2.38 -8.16
N ALA A 218 14.48 1.91 -8.41
CA ALA A 218 13.27 2.59 -7.95
C ALA A 218 12.99 2.19 -6.50
N ASN A 219 12.61 3.16 -5.68
CA ASN A 219 12.34 2.92 -4.26
C ASN A 219 11.21 3.82 -3.74
N GLY A 220 10.51 3.32 -2.73
CA GLY A 220 9.42 4.03 -2.08
C GLY A 220 8.08 3.37 -2.31
N ASP A 221 7.48 2.84 -1.22
CA ASP A 221 6.16 2.21 -1.18
C ASP A 221 5.98 0.98 -2.07
N ILE A 222 7.04 0.21 -2.31
CA ILE A 222 6.89 -1.03 -3.06
C ILE A 222 6.61 -2.03 -1.95
N THR A 223 5.31 -2.36 -1.78
CA THR A 223 4.75 -3.17 -0.68
C THR A 223 4.23 -4.57 -1.05
N ASP A 224 4.12 -4.89 -2.34
CA ASP A 224 3.62 -6.18 -2.79
C ASP A 224 4.11 -6.49 -4.22
N PRO A 225 3.92 -7.73 -4.77
CA PRO A 225 4.40 -8.01 -6.14
C PRO A 225 3.73 -7.19 -7.24
N LEU A 226 2.43 -6.97 -7.13
CA LEU A 226 1.67 -6.23 -8.14
C LEU A 226 2.11 -4.76 -8.27
N LYS A 227 2.38 -4.07 -7.13
CA LYS A 227 2.90 -2.69 -7.10
C LYS A 227 4.29 -2.68 -7.73
N ALA A 228 5.11 -3.66 -7.37
CA ALA A 228 6.47 -3.83 -7.89
C ALA A 228 6.52 -3.88 -9.41
N ARG A 229 5.67 -4.73 -10.04
CA ARG A 229 5.54 -4.91 -11.49
C ARG A 229 5.16 -3.58 -12.13
N ALA A 230 4.13 -2.91 -11.58
CA ALA A 230 3.60 -1.60 -11.99
C ALA A 230 4.63 -0.49 -11.99
N VAL A 231 5.49 -0.44 -10.92
CA VAL A 231 6.57 0.55 -10.76
C VAL A 231 7.67 0.25 -11.79
N LEU A 232 8.06 -1.04 -11.93
CA LEU A 232 9.08 -1.48 -12.87
C LEU A 232 8.69 -1.14 -14.29
N ASP A 233 7.40 -1.34 -14.62
CA ASP A 233 6.82 -1.07 -15.94
C ASP A 233 6.76 0.41 -16.24
N TYR A 234 6.24 1.21 -15.29
CA TYR A 234 6.11 2.65 -15.49
C TYR A 234 7.44 3.34 -15.58
N THR A 235 8.32 3.11 -14.61
CA THR A 235 9.61 3.80 -14.52
C THR A 235 10.69 3.29 -15.48
N GLY A 236 10.60 2.01 -15.90
CA GLY A 236 11.61 1.38 -16.74
C GLY A 236 12.93 1.13 -16.01
N ALA A 237 12.91 1.22 -14.65
CA ALA A 237 14.02 1.04 -13.72
C ALA A 237 14.69 -0.31 -13.83
N ASP A 238 15.95 -0.36 -13.42
CA ASP A 238 16.72 -1.58 -13.51
C ASP A 238 16.52 -2.52 -12.35
N ALA A 239 16.18 -1.97 -11.22
CA ALA A 239 15.93 -2.77 -10.02
C ALA A 239 14.94 -2.06 -9.12
N LEU A 240 14.46 -2.75 -8.08
CA LEU A 240 13.54 -2.21 -7.10
C LEU A 240 14.18 -2.35 -5.74
N MET A 241 13.99 -1.36 -4.86
CA MET A 241 14.52 -1.42 -3.50
C MET A 241 13.35 -1.45 -2.52
N ILE A 242 13.32 -2.44 -1.60
CA ILE A 242 12.20 -2.47 -0.68
C ILE A 242 12.73 -2.41 0.76
N GLY A 243 12.14 -1.51 1.54
CA GLY A 243 12.55 -1.26 2.91
C GLY A 243 11.61 -1.80 3.95
N ARG A 244 10.64 -0.96 4.34
CA ARG A 244 9.65 -1.14 5.40
C ARG A 244 8.79 -2.37 5.25
N ALA A 245 8.45 -2.79 4.00
CA ALA A 245 7.62 -3.98 3.80
C ALA A 245 8.33 -5.31 4.15
N ALA A 246 9.69 -5.30 4.26
CA ALA A 246 10.51 -6.48 4.59
C ALA A 246 10.66 -6.69 6.10
N GLN A 247 10.29 -5.70 6.91
CA GLN A 247 10.43 -5.77 8.37
C GLN A 247 9.57 -6.89 9.02
N GLY A 248 8.31 -7.02 8.61
CA GLY A 248 7.41 -8.03 9.15
C GLY A 248 7.11 -9.18 8.19
N ARG A 249 7.67 -9.09 6.99
CA ARG A 249 7.51 -10.03 5.89
C ARG A 249 8.87 -10.15 5.13
N PRO A 250 9.98 -10.66 5.75
CA PRO A 250 11.26 -10.79 5.00
C PRO A 250 11.18 -11.63 3.72
N TRP A 251 10.19 -12.54 3.63
CA TRP A 251 9.95 -13.43 2.49
C TRP A 251 9.31 -12.70 1.28
N ILE A 252 9.01 -11.39 1.41
CA ILE A 252 8.44 -10.56 0.34
C ILE A 252 9.35 -10.51 -0.91
N PHE A 253 10.67 -10.70 -0.72
CA PHE A 253 11.63 -10.65 -1.81
C PHE A 253 11.39 -11.81 -2.82
N ARG A 254 11.16 -13.05 -2.33
CA ARG A 254 10.89 -14.18 -3.20
C ARG A 254 9.51 -14.09 -3.79
N GLU A 255 8.54 -13.52 -3.05
CA GLU A 255 7.16 -13.30 -3.49
C GLU A 255 7.16 -12.32 -4.68
N ILE A 256 7.89 -11.19 -4.57
CA ILE A 256 8.00 -10.21 -5.65
C ILE A 256 8.78 -10.80 -6.84
N GLN A 257 9.94 -11.48 -6.62
CA GLN A 257 10.74 -12.11 -7.70
C GLN A 257 9.96 -13.12 -8.49
N HIS A 258 9.20 -13.97 -7.80
CA HIS A 258 8.40 -14.98 -8.42
C HIS A 258 7.41 -14.36 -9.43
N TYR A 259 6.68 -13.30 -9.03
CA TYR A 259 5.73 -12.61 -9.88
C TYR A 259 6.40 -11.91 -11.07
N LEU A 260 7.55 -11.28 -10.83
CA LEU A 260 8.27 -10.57 -11.89
C LEU A 260 8.77 -11.54 -12.95
N ASP A 261 9.16 -12.74 -12.51
CA ASP A 261 9.70 -13.79 -13.36
C ASP A 261 8.67 -14.57 -14.11
N THR A 262 7.59 -15.02 -13.42
CA THR A 262 6.61 -15.96 -13.94
C THR A 262 5.22 -15.39 -14.28
N GLY A 263 4.85 -14.24 -13.68
CA GLY A 263 3.53 -13.65 -13.83
C GLY A 263 2.50 -14.36 -12.96
N GLU A 264 2.98 -15.41 -12.18
CA GLU A 264 2.27 -16.24 -11.20
C GLU A 264 2.64 -15.80 -9.78
N LEU A 265 1.64 -15.74 -8.86
CA LEU A 265 1.89 -15.39 -7.48
C LEU A 265 2.15 -16.61 -6.63
N LEU A 266 3.11 -16.51 -5.70
CA LEU A 266 3.39 -17.55 -4.71
C LEU A 266 2.19 -17.54 -3.74
N PRO A 267 1.67 -18.70 -3.26
CA PRO A 267 0.58 -18.63 -2.27
C PRO A 267 1.07 -18.02 -0.94
N PRO A 268 0.19 -17.47 -0.07
CA PRO A 268 0.69 -16.91 1.20
C PRO A 268 1.39 -17.97 2.04
N LEU A 269 2.50 -17.59 2.69
CA LEU A 269 3.27 -18.50 3.53
C LEU A 269 2.39 -19.03 4.67
N PRO A 270 2.13 -20.36 4.73
CA PRO A 270 1.27 -20.88 5.82
C PRO A 270 1.85 -20.64 7.21
N LEU A 271 0.96 -20.47 8.21
CA LEU A 271 1.26 -20.17 9.61
C LEU A 271 2.35 -21.06 10.26
N ALA A 272 2.46 -22.32 9.81
CA ALA A 272 3.48 -23.29 10.26
C ALA A 272 4.87 -22.93 9.75
N GLU A 273 4.98 -22.50 8.47
CA GLU A 273 6.24 -22.11 7.86
C GLU A 273 6.74 -20.78 8.43
N VAL A 274 5.79 -19.88 8.78
CA VAL A 274 6.08 -18.57 9.37
C VAL A 274 6.75 -18.78 10.73
N LYS A 275 6.15 -19.70 11.52
CA LYS A 275 6.58 -20.12 12.85
C LYS A 275 8.03 -20.56 12.77
N ARG A 276 8.34 -21.52 11.87
CA ARG A 276 9.69 -22.08 11.63
C ARG A 276 10.69 -20.96 11.36
N LEU A 277 10.35 -20.01 10.46
CA LEU A 277 11.20 -18.88 10.05
C LEU A 277 11.44 -17.87 11.17
N LEU A 278 10.38 -17.49 11.88
CA LEU A 278 10.43 -16.52 12.97
C LEU A 278 11.15 -17.10 14.20
N CYS A 279 10.97 -18.42 14.45
CA CYS A 279 11.62 -19.09 15.58
C CYS A 279 13.09 -19.35 15.29
N ALA A 280 13.44 -19.69 14.02
CA ALA A 280 14.83 -19.90 13.62
C ALA A 280 15.60 -18.57 13.67
N HIS A 281 14.89 -17.44 13.42
CA HIS A 281 15.46 -16.10 13.46
C HIS A 281 15.69 -15.64 14.89
N VAL A 282 14.72 -15.83 15.81
CA VAL A 282 14.88 -15.41 17.22
C VAL A 282 15.99 -16.22 17.92
N ARG A 283 16.22 -17.48 17.49
CA ARG A 283 17.28 -18.34 18.00
C ARG A 283 18.63 -17.80 17.54
N GLU A 284 18.71 -17.30 16.28
CA GLU A 284 19.88 -16.68 15.68
C GLU A 284 20.21 -15.33 16.34
N LEU A 285 19.18 -14.73 16.92
CA LEU A 285 19.26 -13.46 17.60
C LEU A 285 19.65 -13.64 19.05
N HIS A 286 19.64 -14.86 19.49
CA HIS A 286 20.12 -15.28 20.82
C HIS A 286 21.57 -15.75 20.75
N ASP A 287 22.08 -16.04 19.56
CA ASP A 287 23.48 -16.39 19.42
C ASP A 287 24.19 -15.07 19.30
N PHE A 288 23.91 -14.39 18.21
CA PHE A 288 24.46 -13.08 17.95
C PHE A 288 23.90 -12.22 19.08
N TYR A 289 24.78 -11.52 19.79
CA TYR A 289 24.53 -10.59 20.93
C TYR A 289 24.24 -11.30 22.26
N GLY A 290 24.15 -12.61 22.27
CA GLY A 290 23.84 -13.33 23.49
C GLY A 290 22.37 -13.30 23.90
N PRO A 291 22.03 -14.09 24.92
CA PRO A 291 20.64 -14.07 25.34
C PRO A 291 20.26 -12.81 26.10
N ALA A 292 21.26 -12.06 26.57
CA ALA A 292 21.01 -10.82 27.32
C ALA A 292 20.49 -9.65 26.44
N LYS A 293 21.21 -9.32 25.39
CA LYS A 293 20.82 -8.23 24.53
C LYS A 293 19.93 -8.74 23.40
N GLY A 294 19.98 -10.05 23.18
CA GLY A 294 19.21 -10.67 22.15
C GLY A 294 17.71 -10.66 22.31
N TYR A 295 17.24 -11.04 23.48
CA TYR A 295 15.80 -11.03 23.72
C TYR A 295 15.21 -9.63 23.45
N ARG A 296 16.01 -8.57 23.66
CA ARG A 296 15.62 -7.18 23.41
C ARG A 296 15.48 -6.91 21.90
N ILE A 297 16.31 -7.56 21.09
CA ILE A 297 16.25 -7.39 19.66
C ILE A 297 15.18 -8.30 19.08
N ALA A 298 15.11 -9.52 19.56
CA ALA A 298 14.09 -10.46 19.10
C ALA A 298 12.69 -9.89 19.36
N ARG A 299 12.55 -9.03 20.39
CA ARG A 299 11.31 -8.33 20.76
C ARG A 299 10.96 -7.30 19.71
N LYS A 300 11.98 -6.62 19.12
CA LYS A 300 11.83 -5.62 18.08
C LYS A 300 11.34 -6.29 16.78
N HIS A 301 12.11 -7.28 16.28
CA HIS A 301 11.88 -8.06 15.06
C HIS A 301 10.56 -8.85 15.10
N VAL A 302 10.14 -9.37 16.28
CA VAL A 302 8.85 -10.08 16.43
C VAL A 302 7.72 -9.04 16.39
N SER A 303 7.90 -7.86 17.03
CA SER A 303 6.89 -6.78 17.01
C SER A 303 6.63 -6.22 15.60
N TRP A 304 7.60 -6.34 14.65
CA TRP A 304 7.40 -5.92 13.25
C TRP A 304 6.45 -6.89 12.53
N TYR A 305 6.64 -8.22 12.77
CA TYR A 305 5.81 -9.29 12.22
C TYR A 305 4.40 -9.11 12.78
N LEU A 306 4.30 -8.88 14.11
CA LEU A 306 3.04 -8.67 14.83
C LEU A 306 2.35 -7.38 14.35
N GLN A 307 3.11 -6.27 14.17
CA GLN A 307 2.61 -4.98 13.64
C GLN A 307 1.96 -5.09 12.25
N GLU A 308 2.34 -6.13 11.45
CA GLU A 308 1.82 -6.34 10.10
C GLU A 308 0.74 -7.40 9.99
N HIS A 309 0.82 -8.47 10.78
CA HIS A 309 -0.10 -9.60 10.68
C HIS A 309 -1.16 -9.70 11.80
N ALA A 310 -1.00 -8.95 12.91
CA ALA A 310 -1.94 -8.88 14.05
C ALA A 310 -1.59 -7.68 14.99
N PRO A 311 -1.79 -6.40 14.55
CA PRO A 311 -1.40 -5.25 15.41
C PRO A 311 -2.19 -5.02 16.70
N ASN A 312 -3.52 -5.26 16.68
CA ASN A 312 -4.38 -5.04 17.85
C ASN A 312 -4.65 -6.42 18.47
N ASP A 313 -3.55 -7.06 18.94
CA ASP A 313 -3.58 -8.40 19.51
C ASP A 313 -3.06 -8.49 20.94
N GLN A 314 -3.59 -9.51 21.63
CA GLN A 314 -3.35 -9.94 23.01
C GLN A 314 -1.93 -10.49 23.18
N PHE A 315 -1.40 -11.13 22.10
CA PHE A 315 -0.04 -11.69 22.07
C PHE A 315 1.02 -10.62 22.02
N ARG A 316 0.73 -9.49 21.33
CA ARG A 316 1.64 -8.36 21.17
C ARG A 316 2.04 -7.73 22.49
N ARG A 317 1.06 -7.47 23.38
CA ARG A 317 1.28 -6.87 24.70
C ARG A 317 1.99 -7.83 25.68
N THR A 318 1.64 -9.13 25.62
CA THR A 318 2.21 -10.15 26.50
C THR A 318 3.66 -10.51 26.12
N PHE A 319 3.97 -10.58 24.80
CA PHE A 319 5.33 -10.91 24.32
C PHE A 319 6.34 -9.80 24.63
N ASN A 320 5.91 -8.52 24.58
CA ASN A 320 6.75 -7.37 24.87
C ASN A 320 7.12 -7.28 26.36
N ALA A 321 6.29 -7.90 27.23
CA ALA A 321 6.47 -7.97 28.67
C ALA A 321 7.55 -8.98 29.10
N ILE A 322 7.80 -10.02 28.26
CA ILE A 322 8.79 -11.09 28.49
C ILE A 322 10.21 -10.52 28.60
N GLU A 323 10.98 -11.01 29.60
CA GLU A 323 12.35 -10.58 29.87
C GLU A 323 13.37 -11.74 29.82
N ASP A 324 12.93 -12.93 29.36
CA ASP A 324 13.76 -14.12 29.25
C ASP A 324 13.76 -14.68 27.83
N ALA A 325 14.97 -14.97 27.29
CA ALA A 325 15.21 -15.52 25.95
C ALA A 325 14.54 -16.88 25.69
N SER A 326 14.62 -17.83 26.63
CA SER A 326 13.99 -19.14 26.45
C SER A 326 12.45 -19.06 26.50
N GLU A 327 11.89 -18.13 27.31
CA GLU A 327 10.44 -17.90 27.43
C GLU A 327 9.85 -17.33 26.13
N GLN A 328 10.63 -16.48 25.43
CA GLN A 328 10.26 -15.86 24.16
C GLN A 328 9.97 -16.92 23.11
N LEU A 329 10.88 -17.91 22.96
CA LEU A 329 10.74 -19.01 22.00
C LEU A 329 9.55 -19.91 22.35
N GLU A 330 9.30 -20.12 23.66
CA GLU A 330 8.19 -20.92 24.18
C GLU A 330 6.85 -20.22 23.92
N ALA A 331 6.78 -18.90 24.18
CA ALA A 331 5.59 -18.08 23.97
C ALA A 331 5.28 -17.94 22.48
N LEU A 332 6.34 -17.93 21.63
CA LEU A 332 6.23 -17.84 20.18
C LEU A 332 5.56 -19.06 19.58
N GLU A 333 5.98 -20.27 19.96
CA GLU A 333 5.32 -21.48 19.43
C GLU A 333 3.93 -21.69 20.01
N ALA A 334 3.66 -21.09 21.20
CA ALA A 334 2.36 -21.14 21.87
C ALA A 334 1.29 -20.40 21.06
N TYR A 335 1.63 -19.20 20.54
CA TYR A 335 0.77 -18.35 19.72
C TYR A 335 0.43 -19.00 18.38
N PHE A 336 1.44 -19.58 17.71
CA PHE A 336 1.29 -20.21 16.40
C PHE A 336 0.52 -21.54 16.41
N GLU A 337 0.38 -22.17 17.60
CA GLU A 337 -0.32 -23.44 17.75
C GLU A 337 -1.86 -23.30 17.86
N ASN A 338 -2.35 -22.07 18.14
CA ASN A 338 -3.78 -21.76 18.25
C ASN A 338 -4.49 -21.88 16.90
N PHE A 339 -3.75 -21.65 15.80
CA PHE A 339 -4.27 -21.72 14.43
C PHE A 339 -4.12 -23.14 13.83
N ALA A 340 -3.48 -24.07 14.60
CA ALA A 340 -3.24 -25.46 14.21
C ALA A 340 -4.36 -26.38 14.70
N LEU B 14 -26.46 -10.48 -23.74
CA LEU B 14 -25.80 -11.14 -24.87
C LEU B 14 -24.99 -10.12 -25.71
N VAL B 15 -24.01 -9.45 -25.08
CA VAL B 15 -23.17 -8.41 -25.69
C VAL B 15 -21.69 -8.51 -25.17
N PRO B 16 -20.65 -8.43 -26.07
CA PRO B 16 -19.25 -8.59 -25.60
C PRO B 16 -18.79 -7.67 -24.48
N ARG B 17 -18.01 -8.25 -23.53
CA ARG B 17 -17.45 -7.60 -22.32
C ARG B 17 -16.32 -6.59 -22.62
N GLY B 18 -16.63 -5.61 -23.47
CA GLY B 18 -15.77 -4.49 -23.81
C GLY B 18 -16.03 -3.39 -22.79
N SER B 19 -17.13 -3.56 -22.02
CA SER B 19 -17.61 -2.69 -20.95
C SER B 19 -18.09 -3.52 -19.71
N MET B 20 -18.02 -2.93 -18.51
CA MET B 20 -18.51 -3.57 -17.29
C MET B 20 -20.09 -3.52 -17.29
N ARG B 21 -20.74 -4.63 -16.93
CA ARG B 21 -22.20 -4.70 -16.89
C ARG B 21 -22.73 -5.35 -15.62
N ILE B 22 -23.75 -4.77 -15.01
CA ILE B 22 -24.46 -5.38 -13.89
C ILE B 22 -25.89 -5.48 -14.39
N GLY B 23 -26.25 -6.67 -14.90
CA GLY B 23 -27.57 -6.93 -15.46
C GLY B 23 -27.77 -6.19 -16.76
N GLN B 24 -28.85 -5.40 -16.84
CA GLN B 24 -29.18 -4.58 -18.00
C GLN B 24 -28.36 -3.28 -18.06
N TYR B 25 -27.70 -2.91 -16.94
CA TYR B 25 -26.94 -1.69 -16.79
C TYR B 25 -25.49 -1.80 -17.19
N GLN B 26 -25.11 -1.03 -18.21
CA GLN B 26 -23.73 -0.93 -18.66
C GLN B 26 -23.17 0.27 -17.93
N LEU B 27 -22.01 0.13 -17.29
CA LEU B 27 -21.37 1.22 -16.55
C LEU B 27 -20.53 2.04 -17.51
N ARG B 28 -20.36 3.34 -17.22
CA ARG B 28 -19.61 4.25 -18.09
C ARG B 28 -18.14 3.96 -18.10
N ASN B 29 -17.60 3.41 -17.01
CA ASN B 29 -16.22 2.96 -16.83
C ASN B 29 -16.22 1.77 -15.90
N ARG B 30 -15.04 1.20 -15.62
CA ARG B 30 -14.81 0.00 -14.80
C ARG B 30 -14.38 0.38 -13.39
N LEU B 31 -14.73 1.58 -12.92
CA LEU B 31 -14.30 2.09 -11.61
C LEU B 31 -15.50 2.32 -10.66
N ILE B 32 -15.59 1.52 -9.57
CA ILE B 32 -16.66 1.59 -8.55
C ILE B 32 -16.16 2.21 -7.24
N ALA B 33 -16.93 3.14 -6.67
CA ALA B 33 -16.65 3.74 -5.36
C ALA B 33 -17.20 2.76 -4.32
N ALA B 34 -16.33 2.25 -3.44
CA ALA B 34 -16.71 1.27 -2.42
C ALA B 34 -17.75 1.76 -1.44
N PRO B 35 -18.70 0.91 -0.97
CA PRO B 35 -19.62 1.35 0.10
C PRO B 35 -18.85 1.46 1.43
N MET B 36 -19.00 2.55 2.16
CA MET B 36 -18.28 2.74 3.43
C MET B 36 -19.18 3.44 4.43
N ALA B 37 -19.85 2.63 5.28
CA ALA B 37 -20.76 3.06 6.34
C ALA B 37 -20.16 4.20 7.17
N GLY B 38 -20.86 5.33 7.23
CA GLY B 38 -20.41 6.54 7.92
C GLY B 38 -19.71 7.54 7.00
N ILE B 39 -18.93 7.04 6.02
CA ILE B 39 -18.16 7.82 5.04
C ILE B 39 -18.99 8.20 3.78
N THR B 40 -19.62 7.19 3.15
CA THR B 40 -20.29 7.24 1.84
C THR B 40 -21.67 7.89 1.82
N ASP B 41 -21.84 9.07 2.40
CA ASP B 41 -23.12 9.76 2.38
C ASP B 41 -23.37 10.41 1.01
N ARG B 42 -24.59 10.87 0.76
CA ARG B 42 -24.97 11.41 -0.55
C ARG B 42 -23.97 12.49 -1.02
N PRO B 43 -23.51 13.49 -0.21
CA PRO B 43 -22.52 14.45 -0.74
C PRO B 43 -21.22 13.79 -1.22
N PHE B 44 -20.68 12.81 -0.45
CA PHE B 44 -19.44 12.12 -0.82
C PHE B 44 -19.57 11.29 -2.09
N ARG B 45 -20.61 10.42 -2.16
CA ARG B 45 -20.88 9.58 -3.34
C ARG B 45 -21.03 10.39 -4.62
N THR B 46 -21.76 11.53 -4.56
CA THR B 46 -21.97 12.50 -5.66
C THR B 46 -20.64 13.12 -6.12
N LEU B 47 -19.80 13.50 -5.16
CA LEU B 47 -18.47 14.06 -5.40
C LEU B 47 -17.60 13.01 -6.13
N CYS B 48 -17.64 11.73 -5.68
CA CYS B 48 -16.93 10.59 -6.29
C CYS B 48 -17.36 10.36 -7.72
N TYR B 49 -18.69 10.43 -7.97
CA TYR B 49 -19.28 10.26 -9.29
C TYR B 49 -18.87 11.39 -10.22
N GLU B 50 -18.89 12.65 -9.73
CA GLU B 50 -18.48 13.84 -10.48
C GLU B 50 -16.97 13.79 -10.79
N MET B 51 -16.17 13.12 -9.94
CA MET B 51 -14.72 12.98 -10.06
C MET B 51 -14.25 11.71 -10.82
N GLY B 52 -15.18 10.99 -11.44
CA GLY B 52 -14.86 9.85 -12.30
C GLY B 52 -15.42 8.48 -12.01
N ALA B 53 -16.08 8.26 -10.84
CA ALA B 53 -16.63 6.94 -10.48
C ALA B 53 -17.81 6.56 -11.38
N GLY B 54 -17.72 5.37 -12.00
CA GLY B 54 -18.75 4.84 -12.88
CA GLY B 54 -18.75 4.84 -12.88
C GLY B 54 -19.99 4.45 -12.11
N LEU B 55 -19.80 4.08 -10.82
CA LEU B 55 -20.83 3.64 -9.89
C LEU B 55 -20.44 3.94 -8.44
N THR B 56 -21.44 4.31 -7.62
CA THR B 56 -21.31 4.55 -6.18
C THR B 56 -22.32 3.70 -5.43
N VAL B 57 -21.89 3.12 -4.28
CA VAL B 57 -22.73 2.23 -3.47
C VAL B 57 -23.09 2.92 -2.17
N SER B 58 -24.39 2.87 -1.79
CA SER B 58 -24.92 3.44 -0.54
C SER B 58 -25.45 2.37 0.46
N GLU B 59 -25.81 2.83 1.69
CA GLU B 59 -26.37 2.04 2.80
C GLU B 59 -27.91 1.98 2.74
N MET B 60 -28.49 0.95 3.42
CA MET B 60 -29.91 0.65 3.65
C MET B 60 -30.76 1.83 4.21
N MET B 61 -32.12 1.61 4.30
CA MET B 61 -33.20 2.47 4.81
C MET B 61 -33.77 3.41 3.74
N ASP B 81 -29.05 6.79 -3.56
CA ASP B 81 -28.24 7.92 -4.00
C ASP B 81 -28.94 8.78 -5.07
N GLU B 82 -28.30 9.91 -5.48
CA GLU B 82 -28.72 10.80 -6.57
C GLU B 82 -27.83 10.54 -7.82
N PRO B 83 -26.51 10.15 -7.70
CA PRO B 83 -25.70 9.97 -8.90
C PRO B 83 -25.72 8.60 -9.60
N GLY B 84 -25.86 8.65 -10.93
CA GLY B 84 -25.86 7.50 -11.83
C GLY B 84 -26.86 6.41 -11.50
N ILE B 85 -26.42 5.14 -11.64
CA ILE B 85 -27.24 3.97 -11.31
C ILE B 85 -27.30 3.84 -9.78
N ARG B 86 -28.52 3.87 -9.22
CA ARG B 86 -28.76 3.81 -7.78
C ARG B 86 -28.53 2.41 -7.21
N THR B 87 -27.37 2.20 -6.57
CA THR B 87 -26.95 0.93 -5.95
C THR B 87 -26.99 1.07 -4.44
N VAL B 88 -27.80 0.23 -3.78
CA VAL B 88 -28.00 0.26 -2.32
C VAL B 88 -27.59 -1.09 -1.76
N GLN B 89 -26.78 -1.08 -0.68
CA GLN B 89 -26.30 -2.28 -0.01
C GLN B 89 -27.06 -2.66 1.29
N ILE B 90 -27.49 -3.94 1.35
CA ILE B 90 -28.19 -4.54 2.50
C ILE B 90 -27.25 -5.46 3.30
N ALA B 91 -27.41 -5.47 4.60
CA ALA B 91 -26.67 -6.32 5.52
C ALA B 91 -27.67 -6.98 6.48
N GLY B 92 -27.29 -8.13 7.03
CA GLY B 92 -28.11 -8.93 7.93
C GLY B 92 -27.75 -10.40 7.82
N SER B 93 -28.46 -11.24 8.59
CA SER B 93 -28.23 -12.69 8.64
C SER B 93 -29.49 -13.51 8.31
N ASP B 94 -30.69 -12.90 8.40
CA ASP B 94 -31.93 -13.63 8.16
C ASP B 94 -32.38 -13.53 6.72
N PRO B 95 -32.46 -14.68 5.98
CA PRO B 95 -32.92 -14.64 4.57
C PRO B 95 -34.20 -13.85 4.31
N LYS B 96 -35.26 -14.00 5.16
CA LYS B 96 -36.53 -13.29 5.03
C LYS B 96 -36.43 -11.78 5.32
N GLU B 97 -35.68 -11.40 6.39
CA GLU B 97 -35.43 -10.00 6.75
C GLU B 97 -34.63 -9.30 5.66
N MET B 98 -33.67 -10.05 5.05
CA MET B 98 -32.80 -9.61 3.97
C MET B 98 -33.64 -9.28 2.73
N ALA B 99 -34.53 -10.22 2.36
CA ALA B 99 -35.45 -10.11 1.22
C ALA B 99 -36.38 -8.88 1.36
N ASP B 100 -36.81 -8.55 2.60
CA ASP B 100 -37.66 -7.40 2.89
C ASP B 100 -36.92 -6.06 2.72
N ALA B 101 -35.65 -5.97 3.17
CA ALA B 101 -34.81 -4.77 3.02
C ALA B 101 -34.53 -4.55 1.52
N ALA B 102 -34.35 -5.66 0.76
CA ALA B 102 -34.17 -5.59 -0.68
C ALA B 102 -35.43 -4.98 -1.32
N ARG B 103 -36.64 -5.43 -0.91
CA ARG B 103 -37.94 -4.95 -1.39
C ARG B 103 -38.23 -3.48 -1.02
N ILE B 104 -37.99 -3.13 0.24
CA ILE B 104 -38.23 -1.78 0.77
C ILE B 104 -37.33 -0.76 0.08
N ASN B 105 -36.04 -1.09 -0.12
CA ASN B 105 -35.08 -0.20 -0.77
C ASN B 105 -35.33 -0.08 -2.30
N VAL B 106 -35.84 -1.13 -2.98
CA VAL B 106 -36.17 -1.02 -4.41
C VAL B 106 -37.39 -0.10 -4.62
N GLU B 107 -38.41 -0.22 -3.72
CA GLU B 107 -39.61 0.63 -3.71
C GLU B 107 -39.20 2.08 -3.47
N SER B 108 -38.10 2.28 -2.70
CA SER B 108 -37.50 3.56 -2.32
C SER B 108 -36.58 4.15 -3.40
N GLY B 109 -36.42 3.44 -4.54
CA GLY B 109 -35.63 3.89 -5.67
C GLY B 109 -34.35 3.15 -6.01
N ALA B 110 -34.02 2.05 -5.30
CA ALA B 110 -32.78 1.32 -5.61
C ALA B 110 -32.92 0.52 -6.91
N GLN B 111 -31.99 0.77 -7.87
CA GLN B 111 -31.93 0.11 -9.18
C GLN B 111 -31.16 -1.20 -9.13
N ILE B 112 -30.15 -1.26 -8.24
CA ILE B 112 -29.33 -2.44 -7.97
C ILE B 112 -29.27 -2.61 -6.45
N ILE B 113 -29.44 -3.86 -5.97
CA ILE B 113 -29.32 -4.21 -4.55
C ILE B 113 -28.03 -5.00 -4.36
N ASP B 114 -27.18 -4.58 -3.43
CA ASP B 114 -25.94 -5.28 -3.10
C ASP B 114 -26.10 -5.97 -1.75
N ILE B 115 -25.42 -7.10 -1.55
CA ILE B 115 -25.45 -7.82 -0.28
C ILE B 115 -24.06 -7.76 0.40
N ASN B 116 -24.01 -7.26 1.64
CA ASN B 116 -22.77 -7.22 2.40
C ASN B 116 -22.45 -8.59 3.03
N MET B 117 -21.39 -9.24 2.54
CA MET B 117 -20.87 -10.48 3.12
C MET B 117 -19.34 -10.32 3.23
N GLY B 118 -18.92 -9.08 3.42
CA GLY B 118 -17.53 -8.73 3.52
C GLY B 118 -17.02 -8.18 4.82
N CYS B 119 -17.78 -7.28 5.48
CA CYS B 119 -17.37 -6.64 6.75
CA CYS B 119 -17.37 -6.64 6.75
C CYS B 119 -16.97 -7.64 7.83
N PRO B 120 -15.85 -7.45 8.52
CA PRO B 120 -15.37 -8.50 9.40
C PRO B 120 -15.85 -8.44 10.85
N ALA B 121 -16.44 -7.34 11.27
CA ALA B 121 -16.93 -7.20 12.64
C ALA B 121 -18.30 -6.52 12.61
N LYS B 122 -19.14 -6.99 11.68
CA LYS B 122 -20.47 -6.42 11.51
C LYS B 122 -21.56 -7.20 12.23
N LYS B 123 -22.33 -6.49 13.05
CA LYS B 123 -23.46 -7.05 13.77
C LYS B 123 -24.69 -6.34 13.25
N VAL B 124 -25.74 -7.09 12.91
CA VAL B 124 -27.03 -6.53 12.48
C VAL B 124 -28.10 -7.31 13.25
N ASN B 125 -28.86 -6.55 14.06
CA ASN B 125 -29.89 -7.02 14.99
C ASN B 125 -29.24 -7.95 16.05
N ARG B 126 -28.03 -7.52 16.53
CA ARG B 126 -27.17 -8.19 17.53
C ARG B 126 -26.48 -9.47 17.00
N LYS B 127 -26.89 -9.98 15.82
CA LYS B 127 -26.34 -11.19 15.20
C LYS B 127 -25.17 -10.86 14.30
N LEU B 128 -24.17 -11.76 14.25
CA LEU B 128 -22.98 -11.63 13.43
C LEU B 128 -23.36 -11.79 11.96
N ALA B 129 -23.06 -10.75 11.15
CA ALA B 129 -23.32 -10.65 9.73
C ALA B 129 -22.00 -10.31 9.00
N GLY B 130 -22.06 -9.86 7.74
CA GLY B 130 -20.84 -9.57 6.98
C GLY B 130 -20.19 -10.89 6.63
N SER B 131 -18.84 -10.93 6.62
CA SER B 131 -18.00 -12.11 6.32
C SER B 131 -18.18 -13.26 7.33
N ALA B 132 -18.85 -13.03 8.48
CA ALA B 132 -19.18 -14.06 9.44
C ALA B 132 -20.03 -15.11 8.72
N LEU B 133 -20.92 -14.66 7.82
CA LEU B 133 -21.78 -15.51 6.99
C LEU B 133 -21.00 -16.45 6.08
N LEU B 134 -19.78 -16.04 5.65
CA LEU B 134 -18.89 -16.82 4.77
C LEU B 134 -18.41 -18.14 5.36
N GLN B 135 -18.58 -18.37 6.67
CA GLN B 135 -18.20 -19.61 7.37
C GLN B 135 -19.25 -20.68 7.13
N TYR B 136 -20.47 -20.26 6.74
CA TYR B 136 -21.60 -21.16 6.58
C TYR B 136 -22.27 -21.07 5.20
N PRO B 137 -21.76 -21.81 4.18
CA PRO B 137 -22.37 -21.74 2.82
C PRO B 137 -23.89 -22.01 2.74
N ASP B 138 -24.49 -22.64 3.76
CA ASP B 138 -25.93 -22.92 3.82
C ASP B 138 -26.74 -21.68 4.14
N VAL B 139 -26.21 -20.78 5.02
CA VAL B 139 -26.87 -19.51 5.36
C VAL B 139 -26.71 -18.57 4.14
N VAL B 140 -25.51 -18.60 3.50
CA VAL B 140 -25.16 -17.87 2.28
C VAL B 140 -26.16 -18.27 1.18
N LYS B 141 -26.29 -19.58 0.86
CA LYS B 141 -27.23 -20.09 -0.14
C LYS B 141 -28.65 -19.58 0.06
N SER B 142 -29.13 -19.62 1.33
CA SER B 142 -30.47 -19.18 1.74
C SER B 142 -30.72 -17.67 1.56
N ILE B 143 -29.77 -16.81 2.00
CA ILE B 143 -29.85 -15.36 1.90
C ILE B 143 -29.86 -14.93 0.41
N LEU B 144 -28.93 -15.46 -0.40
CA LEU B 144 -28.80 -15.15 -1.83
C LEU B 144 -30.04 -15.56 -2.59
N THR B 145 -30.53 -16.80 -2.40
CA THR B 145 -31.75 -17.30 -3.04
C THR B 145 -32.93 -16.35 -2.75
N GLU B 146 -33.23 -16.12 -1.45
CA GLU B 146 -34.33 -15.26 -0.98
C GLU B 146 -34.27 -13.80 -1.43
N VAL B 147 -33.09 -13.19 -1.47
CA VAL B 147 -32.94 -11.79 -1.90
C VAL B 147 -33.12 -11.66 -3.41
N VAL B 148 -32.56 -12.62 -4.18
CA VAL B 148 -32.63 -12.63 -5.64
C VAL B 148 -34.07 -12.80 -6.12
N ASN B 149 -34.87 -13.70 -5.49
CA ASN B 149 -36.27 -13.89 -5.90
C ASN B 149 -37.24 -12.89 -5.29
N ALA B 150 -36.74 -11.98 -4.43
CA ALA B 150 -37.59 -10.96 -3.78
C ALA B 150 -37.74 -9.73 -4.65
N VAL B 151 -36.66 -9.34 -5.34
CA VAL B 151 -36.62 -8.16 -6.20
C VAL B 151 -36.39 -8.53 -7.67
N ASP B 152 -36.97 -7.70 -8.56
CA ASP B 152 -36.93 -7.80 -10.03
C ASP B 152 -35.80 -6.91 -10.58
N VAL B 153 -34.88 -6.55 -9.69
CA VAL B 153 -33.72 -5.67 -9.84
C VAL B 153 -32.43 -6.53 -9.84
N PRO B 154 -31.32 -6.14 -10.51
CA PRO B 154 -30.08 -6.95 -10.41
C PRO B 154 -29.55 -7.00 -8.97
N VAL B 155 -29.19 -8.21 -8.50
CA VAL B 155 -28.66 -8.39 -7.14
C VAL B 155 -27.17 -8.77 -7.22
N THR B 156 -26.32 -8.02 -6.50
CA THR B 156 -24.88 -8.26 -6.47
C THR B 156 -24.43 -8.64 -5.04
N LEU B 157 -23.23 -9.23 -4.93
CA LEU B 157 -22.66 -9.70 -3.66
C LEU B 157 -21.24 -9.20 -3.43
N LYS B 158 -20.96 -8.68 -2.24
CA LYS B 158 -19.64 -8.21 -1.84
C LYS B 158 -19.11 -9.17 -0.79
N ILE B 159 -17.93 -9.78 -1.05
CA ILE B 159 -17.35 -10.79 -0.16
C ILE B 159 -15.87 -10.53 0.25
N ARG B 160 -15.34 -11.54 0.92
CA ARG B 160 -13.96 -11.65 1.34
C ARG B 160 -13.46 -13.05 0.96
N THR B 161 -12.15 -13.23 0.92
CA THR B 161 -11.51 -14.49 0.50
C THR B 161 -12.01 -15.71 1.26
N GLY B 162 -12.42 -15.50 2.50
CA GLY B 162 -12.93 -16.51 3.40
C GLY B 162 -12.98 -15.92 4.79
N TRP B 163 -13.06 -16.80 5.81
CA TRP B 163 -13.12 -16.42 7.23
C TRP B 163 -11.71 -16.22 7.81
N ALA B 164 -10.79 -17.13 7.51
CA ALA B 164 -9.42 -17.08 8.02
C ALA B 164 -8.44 -17.49 6.92
N PRO B 165 -7.11 -17.19 7.03
CA PRO B 165 -6.16 -17.59 5.97
C PRO B 165 -6.19 -19.08 5.58
N GLU B 166 -6.45 -19.95 6.54
CA GLU B 166 -6.54 -21.40 6.33
C GLU B 166 -7.89 -21.78 5.65
N HIS B 167 -8.89 -20.88 5.71
CA HIS B 167 -10.26 -21.10 5.25
C HIS B 167 -10.72 -20.13 4.17
N ARG B 168 -10.06 -20.15 3.01
CA ARG B 168 -10.45 -19.35 1.87
C ARG B 168 -11.40 -20.22 1.03
N ASN B 169 -12.72 -19.90 1.04
CA ASN B 169 -13.79 -20.63 0.34
C ASN B 169 -14.42 -19.81 -0.78
N CYS B 170 -13.63 -18.84 -1.25
CA CYS B 170 -13.83 -17.88 -2.31
C CYS B 170 -14.53 -18.40 -3.56
N GLU B 171 -13.98 -19.48 -4.14
CA GLU B 171 -14.47 -20.11 -5.37
C GLU B 171 -15.80 -20.80 -5.11
N GLU B 172 -15.95 -21.42 -3.93
CA GLU B 172 -17.17 -22.08 -3.51
C GLU B 172 -18.32 -21.06 -3.41
N ILE B 173 -18.05 -19.90 -2.79
CA ILE B 173 -19.03 -18.83 -2.55
C ILE B 173 -19.43 -18.16 -3.85
N ALA B 174 -18.45 -17.88 -4.75
CA ALA B 174 -18.67 -17.28 -6.06
C ALA B 174 -19.54 -18.18 -6.96
N GLN B 175 -19.24 -19.50 -6.95
CA GLN B 175 -19.97 -20.52 -7.73
C GLN B 175 -21.40 -20.62 -7.25
N LEU B 176 -21.60 -20.56 -5.92
CA LEU B 176 -22.88 -20.60 -5.20
C LEU B 176 -23.68 -19.32 -5.54
N ALA B 177 -23.03 -18.14 -5.46
CA ALA B 177 -23.62 -16.84 -5.79
C ALA B 177 -24.19 -16.80 -7.21
N GLU B 178 -23.42 -17.30 -8.20
CA GLU B 178 -23.83 -17.40 -9.61
C GLU B 178 -25.09 -18.29 -9.71
N ASP B 179 -25.07 -19.45 -9.03
CA ASP B 179 -26.17 -20.43 -9.03
C ASP B 179 -27.47 -19.90 -8.44
N CYS B 180 -27.35 -18.98 -7.45
CA CYS B 180 -28.45 -18.32 -6.75
C CYS B 180 -29.06 -17.15 -7.52
N GLY B 181 -28.36 -16.67 -8.56
CA GLY B 181 -28.82 -15.60 -9.44
C GLY B 181 -28.17 -14.24 -9.25
N ILE B 182 -27.01 -14.19 -8.55
CA ILE B 182 -26.22 -12.97 -8.33
C ILE B 182 -25.68 -12.53 -9.70
N GLN B 183 -25.72 -11.24 -9.99
CA GLN B 183 -25.36 -10.75 -11.31
C GLN B 183 -24.01 -10.05 -11.38
N ALA B 184 -23.32 -9.91 -10.25
CA ALA B 184 -21.96 -9.34 -10.13
C ALA B 184 -21.39 -9.68 -8.74
N LEU B 185 -20.08 -9.91 -8.67
CA LEU B 185 -19.44 -10.26 -7.42
C LEU B 185 -18.22 -9.39 -7.14
N THR B 186 -18.19 -8.72 -5.98
CA THR B 186 -17.02 -7.94 -5.56
C THR B 186 -16.25 -8.79 -4.55
N ILE B 187 -14.92 -8.89 -4.72
CA ILE B 187 -14.08 -9.60 -3.78
C ILE B 187 -13.03 -8.66 -3.22
N HIS B 188 -12.97 -8.53 -1.87
CA HIS B 188 -11.92 -7.83 -1.15
C HIS B 188 -10.88 -8.92 -0.91
N GLY B 189 -9.67 -8.75 -1.47
CA GLY B 189 -8.60 -9.76 -1.33
C GLY B 189 -7.98 -9.91 0.04
N ARG B 190 -8.83 -10.05 1.03
CA ARG B 190 -8.45 -10.24 2.41
C ARG B 190 -9.49 -11.12 3.03
N THR B 191 -9.09 -11.91 4.00
CA THR B 191 -10.00 -12.79 4.71
C THR B 191 -10.66 -12.03 5.84
N ARG B 192 -11.59 -12.64 6.54
CA ARG B 192 -12.28 -12.00 7.65
C ARG B 192 -11.30 -11.60 8.70
N ALA B 193 -10.36 -12.50 9.01
CA ALA B 193 -9.30 -12.26 10.00
CA ALA B 193 -9.28 -12.29 9.98
C ALA B 193 -8.13 -11.21 9.82
N CYS B 194 -7.95 -10.97 8.54
CA CYS B 194 -7.00 -10.02 8.04
C CYS B 194 -7.35 -8.60 8.43
N LEU B 195 -8.65 -8.31 8.52
CA LEU B 195 -9.20 -7.04 8.90
C LEU B 195 -8.65 -6.07 7.91
N PHE B 196 -7.97 -5.05 8.37
CA PHE B 196 -7.38 -4.13 7.43
C PHE B 196 -5.88 -4.18 7.52
N ASN B 197 -5.38 -5.32 7.99
CA ASN B 197 -3.96 -5.53 8.15
C ASN B 197 -3.27 -6.16 6.98
N GLY B 198 -1.97 -6.08 7.01
CA GLY B 198 -1.11 -6.61 5.96
C GLY B 198 -1.36 -5.95 4.64
N GLU B 199 -1.33 -6.78 3.61
CA GLU B 199 -1.45 -6.46 2.20
C GLU B 199 -2.53 -7.33 1.54
N ALA B 200 -3.35 -6.72 0.66
CA ALA B 200 -4.43 -7.39 -0.07
C ALA B 200 -3.83 -8.22 -1.16
N GLU B 201 -4.40 -9.41 -1.42
CA GLU B 201 -3.94 -10.33 -2.44
C GLU B 201 -4.93 -10.45 -3.58
N TYR B 202 -4.42 -10.70 -4.80
CA TYR B 202 -5.29 -10.72 -5.97
C TYR B 202 -5.27 -12.06 -6.68
N ASP B 203 -4.87 -13.09 -5.96
CA ASP B 203 -4.81 -14.45 -6.48
C ASP B 203 -6.19 -15.07 -6.42
N SER B 204 -6.90 -14.87 -5.28
CA SER B 204 -8.25 -15.37 -5.03
C SER B 204 -9.23 -14.80 -6.06
N ILE B 205 -9.16 -13.46 -6.35
CA ILE B 205 -9.98 -12.71 -7.34
C ILE B 205 -9.75 -13.30 -8.75
N ARG B 206 -8.46 -13.51 -9.11
CA ARG B 206 -8.02 -14.11 -10.37
C ARG B 206 -8.61 -15.52 -10.56
N ALA B 207 -8.58 -16.34 -9.51
CA ALA B 207 -9.08 -17.72 -9.54
C ALA B 207 -10.60 -17.75 -9.70
N VAL B 208 -11.30 -16.85 -9.00
CA VAL B 208 -12.75 -16.71 -9.05
C VAL B 208 -13.23 -16.26 -10.45
N LYS B 209 -12.54 -15.28 -11.08
CA LYS B 209 -12.83 -14.78 -12.44
C LYS B 209 -12.71 -15.90 -13.48
N GLN B 210 -11.75 -16.82 -13.29
CA GLN B 210 -11.56 -17.96 -14.19
C GLN B 210 -12.64 -19.07 -14.05
N LYS B 211 -13.29 -19.20 -12.87
CA LYS B 211 -14.31 -20.21 -12.56
C LYS B 211 -15.75 -19.78 -12.86
N VAL B 212 -16.04 -18.51 -12.65
CA VAL B 212 -17.36 -17.91 -12.72
C VAL B 212 -17.59 -17.13 -14.04
N SER B 213 -18.86 -17.08 -14.51
CA SER B 213 -19.28 -16.35 -15.73
C SER B 213 -19.81 -14.93 -15.45
N ILE B 214 -20.18 -14.64 -14.19
CA ILE B 214 -20.66 -13.32 -13.79
C ILE B 214 -19.50 -12.31 -13.67
N PRO B 215 -19.74 -10.99 -13.90
CA PRO B 215 -18.65 -10.02 -13.74
C PRO B 215 -18.11 -9.98 -12.31
N VAL B 216 -16.78 -9.97 -12.19
CA VAL B 216 -16.04 -9.96 -10.92
C VAL B 216 -15.38 -8.56 -10.79
N ILE B 217 -15.55 -7.93 -9.62
CA ILE B 217 -14.99 -6.62 -9.24
C ILE B 217 -13.87 -6.86 -8.24
N ALA B 218 -12.64 -6.43 -8.59
CA ALA B 218 -11.46 -6.57 -7.74
C ALA B 218 -11.43 -5.42 -6.75
N ASN B 219 -11.13 -5.73 -5.49
CA ASN B 219 -11.12 -4.72 -4.42
C ASN B 219 -10.07 -5.03 -3.36
N GLY B 220 -9.57 -3.99 -2.71
CA GLY B 220 -8.57 -4.12 -1.67
C GLY B 220 -7.23 -3.55 -2.07
N ASP B 221 -6.81 -2.46 -1.42
CA ASP B 221 -5.53 -1.79 -1.56
C ASP B 221 -5.26 -1.24 -2.94
N ILE B 222 -6.32 -0.85 -3.68
CA ILE B 222 -6.14 -0.22 -4.99
C ILE B 222 -6.03 1.28 -4.63
N THR B 223 -4.79 1.73 -4.42
CA THR B 223 -4.44 3.06 -3.91
C THR B 223 -3.91 4.08 -4.91
N ASP B 224 -3.70 3.68 -6.17
CA ASP B 224 -3.17 4.58 -7.19
C ASP B 224 -3.38 4.01 -8.59
N PRO B 225 -3.22 4.83 -9.67
CA PRO B 225 -3.36 4.31 -11.05
C PRO B 225 -2.48 3.12 -11.45
N LEU B 226 -1.21 3.05 -10.99
CA LEU B 226 -0.26 1.96 -11.30
C LEU B 226 -0.69 0.62 -10.75
N LYS B 227 -1.13 0.60 -9.48
CA LYS B 227 -1.63 -0.57 -8.80
C LYS B 227 -2.91 -1.06 -9.50
N ALA B 228 -3.80 -0.13 -9.84
CA ALA B 228 -5.05 -0.39 -10.54
C ALA B 228 -4.85 -1.17 -11.83
N ARG B 229 -3.95 -0.69 -12.71
CA ARG B 229 -3.58 -1.31 -13.99
C ARG B 229 -3.09 -2.73 -13.75
N ALA B 230 -2.14 -2.89 -12.81
CA ALA B 230 -1.52 -4.16 -12.40
C ALA B 230 -2.52 -5.20 -11.91
N VAL B 231 -3.53 -4.77 -11.11
CA VAL B 231 -4.59 -5.61 -10.56
C VAL B 231 -5.54 -6.02 -11.69
N LEU B 232 -5.94 -5.06 -12.55
CA LEU B 232 -6.82 -5.29 -13.70
C LEU B 232 -6.20 -6.32 -14.64
N ASP B 233 -4.89 -6.19 -14.91
CA ASP B 233 -4.12 -7.06 -15.78
C ASP B 233 -3.97 -8.44 -15.20
N TYR B 234 -3.55 -8.55 -13.92
CA TYR B 234 -3.35 -9.85 -13.29
C TYR B 234 -4.64 -10.62 -13.10
N THR B 235 -5.62 -9.96 -12.51
CA THR B 235 -6.87 -10.61 -12.14
C THR B 235 -7.78 -10.90 -13.34
N GLY B 236 -7.73 -10.06 -14.36
CA GLY B 236 -8.62 -10.15 -15.50
C GLY B 236 -10.05 -9.73 -15.15
N ALA B 237 -10.22 -9.02 -14.02
CA ALA B 237 -11.48 -8.54 -13.42
C ALA B 237 -12.18 -7.58 -14.33
N ASP B 238 -13.51 -7.49 -14.19
CA ASP B 238 -14.37 -6.64 -15.01
C ASP B 238 -14.35 -5.22 -14.57
N ALA B 239 -14.14 -4.98 -13.27
CA ALA B 239 -14.08 -3.64 -12.73
C ALA B 239 -13.19 -3.60 -11.49
N LEU B 240 -12.88 -2.40 -11.01
CA LEU B 240 -12.09 -2.17 -9.80
C LEU B 240 -12.92 -1.41 -8.85
N MET B 241 -12.83 -1.74 -7.53
CA MET B 241 -13.56 -1.01 -6.48
C MET B 241 -12.56 -0.30 -5.59
N ILE B 242 -12.70 1.01 -5.41
CA ILE B 242 -11.72 1.71 -4.57
C ILE B 242 -12.45 2.39 -3.40
N GLY B 243 -11.93 2.15 -2.21
CA GLY B 243 -12.54 2.66 -0.98
C GLY B 243 -11.78 3.77 -0.33
N ARG B 244 -10.86 3.40 0.57
CA ARG B 244 -10.05 4.25 1.43
C ARG B 244 -9.22 5.29 0.71
N ALA B 245 -8.71 4.99 -0.49
CA ALA B 245 -7.92 5.98 -1.23
C ALA B 245 -8.73 7.19 -1.77
N ALA B 246 -10.06 7.06 -1.83
CA ALA B 246 -10.98 8.11 -2.29
C ALA B 246 -11.38 9.09 -1.18
N GLN B 247 -11.09 8.76 0.09
CA GLN B 247 -11.46 9.59 1.24
C GLN B 247 -10.81 10.98 1.25
N GLY B 248 -9.51 11.05 0.98
CA GLY B 248 -8.77 12.32 0.96
C GLY B 248 -8.39 12.80 -0.42
N ARG B 249 -8.75 11.98 -1.42
CA ARG B 249 -8.46 12.20 -2.83
C ARG B 249 -9.66 11.70 -3.68
N PRO B 250 -10.88 12.30 -3.58
CA PRO B 250 -12.02 11.81 -4.43
C PRO B 250 -11.78 11.85 -5.94
N TRP B 251 -10.84 12.70 -6.40
CA TRP B 251 -10.43 12.84 -7.80
C TRP B 251 -9.57 11.67 -8.29
N ILE B 252 -9.35 10.65 -7.41
CA ILE B 252 -8.54 9.46 -7.68
C ILE B 252 -9.12 8.64 -8.83
N PHE B 253 -10.45 8.69 -9.03
CA PHE B 253 -11.15 7.96 -10.07
C PHE B 253 -10.71 8.43 -11.45
N ARG B 254 -10.75 9.73 -11.71
CA ARG B 254 -10.30 10.28 -12.99
C ARG B 254 -8.78 10.11 -13.21
N GLU B 255 -7.99 10.14 -12.13
CA GLU B 255 -6.56 9.87 -12.13
C GLU B 255 -6.29 8.41 -12.55
N ILE B 256 -7.08 7.44 -12.00
CA ILE B 256 -6.95 6.01 -12.37
C ILE B 256 -7.36 5.85 -13.81
N GLN B 257 -8.59 6.35 -14.21
CA GLN B 257 -9.12 6.27 -15.57
C GLN B 257 -8.16 6.84 -16.60
N HIS B 258 -7.55 7.98 -16.34
CA HIS B 258 -6.59 8.60 -17.25
C HIS B 258 -5.42 7.65 -17.55
N TYR B 259 -4.84 7.01 -16.51
CA TYR B 259 -3.74 6.05 -16.69
C TYR B 259 -4.18 4.77 -17.44
N LEU B 260 -5.38 4.25 -17.13
CA LEU B 260 -5.91 3.07 -17.80
C LEU B 260 -6.11 3.33 -19.29
N ASP B 261 -6.53 4.55 -19.61
CA ASP B 261 -6.82 5.00 -20.97
C ASP B 261 -5.62 5.37 -21.79
N THR B 262 -4.69 6.16 -21.22
CA THR B 262 -3.57 6.76 -21.94
C THR B 262 -2.16 6.21 -21.64
N GLY B 263 -1.98 5.58 -20.47
CA GLY B 263 -0.66 5.11 -20.08
C GLY B 263 0.19 6.21 -19.46
N GLU B 264 -0.34 7.43 -19.38
CA GLU B 264 0.34 8.54 -18.71
C GLU B 264 -0.47 8.97 -17.49
N LEU B 265 0.20 9.56 -16.51
CA LEU B 265 -0.45 10.02 -15.28
C LEU B 265 -0.84 11.48 -15.35
N LEU B 266 -2.00 11.84 -14.76
CA LEU B 266 -2.48 13.21 -14.65
C LEU B 266 -1.53 13.91 -13.68
N PRO B 267 -1.11 15.19 -13.89
CA PRO B 267 -0.25 15.85 -12.89
C PRO B 267 -1.04 16.05 -11.58
N PRO B 268 -0.41 16.21 -10.39
CA PRO B 268 -1.20 16.40 -9.17
C PRO B 268 -2.11 17.63 -9.28
N LEU B 269 -3.34 17.51 -8.76
CA LEU B 269 -4.31 18.59 -8.78
C LEU B 269 -3.74 19.81 -8.04
N PRO B 270 -3.58 20.98 -8.74
CA PRO B 270 -2.99 22.16 -8.07
C PRO B 270 -3.81 22.64 -6.87
N LEU B 271 -3.12 23.21 -5.86
CA LEU B 271 -3.65 23.69 -4.58
C LEU B 271 -4.91 24.57 -4.70
N ALA B 272 -5.04 25.34 -5.81
CA ALA B 272 -6.18 26.21 -6.10
C ALA B 272 -7.42 25.40 -6.47
N GLU B 273 -7.24 24.33 -7.29
CA GLU B 273 -8.33 23.46 -7.71
C GLU B 273 -8.83 22.59 -6.56
N VAL B 274 -7.92 22.22 -5.65
CA VAL B 274 -8.22 21.42 -4.46
C VAL B 274 -9.15 22.21 -3.54
N LYS B 275 -8.80 23.47 -3.21
CA LYS B 275 -9.64 24.31 -2.34
C LYS B 275 -11.03 24.58 -2.96
N ARG B 276 -11.10 24.78 -4.30
CA ARG B 276 -12.37 24.98 -5.02
C ARG B 276 -13.29 23.73 -4.96
N LEU B 277 -12.70 22.52 -4.77
CA LEU B 277 -13.42 21.24 -4.62
C LEU B 277 -13.76 20.95 -3.15
N LEU B 278 -12.79 21.15 -2.24
CA LEU B 278 -12.95 20.91 -0.80
C LEU B 278 -13.89 21.93 -0.15
N CYS B 279 -13.87 23.19 -0.63
CA CYS B 279 -14.76 24.24 -0.11
C CYS B 279 -16.18 24.07 -0.61
N ALA B 280 -16.36 23.64 -1.88
CA ALA B 280 -17.67 23.38 -2.46
C ALA B 280 -18.31 22.17 -1.76
N HIS B 281 -17.48 21.22 -1.31
CA HIS B 281 -17.92 20.03 -0.61
C HIS B 281 -18.34 20.32 0.84
N VAL B 282 -17.55 21.12 1.59
CA VAL B 282 -17.89 21.46 2.98
C VAL B 282 -19.17 22.31 3.05
N ARG B 283 -19.44 23.12 2.00
CA ARG B 283 -20.65 23.94 1.88
C ARG B 283 -21.85 23.02 1.66
N GLU B 284 -21.66 21.94 0.87
CA GLU B 284 -22.67 20.92 0.57
C GLU B 284 -22.98 20.07 1.82
N LEU B 285 -22.00 19.97 2.71
CA LEU B 285 -22.15 19.24 3.95
C LEU B 285 -22.83 20.08 5.02
N HIS B 286 -22.89 21.38 4.78
CA HIS B 286 -23.61 22.34 5.63
C HIS B 286 -25.07 22.48 5.17
N ASP B 287 -25.36 22.04 3.95
CA ASP B 287 -26.72 22.06 3.46
C ASP B 287 -27.38 20.72 3.72
N PHE B 288 -26.57 19.69 3.96
CA PHE B 288 -27.06 18.34 4.21
C PHE B 288 -27.01 18.18 5.72
N TYR B 289 -28.08 17.71 6.34
CA TYR B 289 -28.17 17.57 7.81
C TYR B 289 -27.82 18.85 8.62
N GLY B 290 -28.19 20.02 8.11
CA GLY B 290 -27.90 21.29 8.74
C GLY B 290 -26.44 21.71 8.85
N PRO B 291 -26.20 22.84 9.54
CA PRO B 291 -24.86 23.37 9.86
C PRO B 291 -24.49 22.90 11.26
N ALA B 292 -25.51 22.55 12.04
CA ALA B 292 -25.36 21.96 13.37
C ALA B 292 -24.63 20.60 13.35
N LYS B 293 -25.08 19.69 12.48
CA LYS B 293 -24.45 18.38 12.35
C LYS B 293 -23.35 18.45 11.30
N GLY B 294 -23.55 19.33 10.34
CA GLY B 294 -22.60 19.52 9.27
C GLY B 294 -21.19 19.75 9.73
N TYR B 295 -21.01 20.65 10.69
CA TYR B 295 -19.68 20.96 11.21
C TYR B 295 -18.95 19.68 11.69
N ARG B 296 -19.70 18.76 12.34
CA ARG B 296 -19.23 17.49 12.89
C ARG B 296 -18.79 16.51 11.81
N ILE B 297 -19.50 16.51 10.69
CA ILE B 297 -19.14 15.63 9.62
C ILE B 297 -18.09 16.28 8.75
N ALA B 298 -18.29 17.54 8.39
CA ALA B 298 -17.31 18.26 7.55
C ALA B 298 -15.88 18.20 8.10
N ARG B 299 -15.71 18.06 9.43
CA ARG B 299 -14.39 17.98 10.04
C ARG B 299 -13.75 16.60 9.84
N LYS B 300 -14.58 15.55 9.59
CA LYS B 300 -14.09 14.19 9.31
C LYS B 300 -13.52 14.16 7.90
N HIS B 301 -14.23 14.77 6.94
CA HIS B 301 -13.81 14.83 5.54
C HIS B 301 -12.60 15.76 5.28
N VAL B 302 -12.44 16.85 6.09
CA VAL B 302 -11.31 17.78 5.94
C VAL B 302 -10.05 17.11 6.49
N SER B 303 -10.20 16.34 7.59
CA SER B 303 -9.10 15.59 8.20
C SER B 303 -8.62 14.50 7.24
N TRP B 304 -9.57 13.89 6.45
CA TRP B 304 -9.30 12.87 5.42
C TRP B 304 -8.29 13.41 4.43
N TYR B 305 -8.52 14.64 3.95
CA TYR B 305 -7.65 15.31 3.01
C TYR B 305 -6.31 15.70 3.66
N LEU B 306 -6.37 16.30 4.86
CA LEU B 306 -5.23 16.78 5.62
C LEU B 306 -4.23 15.68 5.98
N GLN B 307 -4.71 14.51 6.45
CA GLN B 307 -3.91 13.34 6.81
C GLN B 307 -3.06 12.80 5.67
N GLU B 308 -3.43 13.10 4.43
CA GLU B 308 -2.74 12.62 3.23
C GLU B 308 -1.83 13.67 2.60
N HIS B 309 -2.31 14.92 2.52
CA HIS B 309 -1.62 16.00 1.80
C HIS B 309 -0.80 16.98 2.68
N ALA B 310 -1.03 16.99 4.02
CA ALA B 310 -0.32 17.81 5.00
C ALA B 310 -0.59 17.29 6.44
N PRO B 311 -0.07 16.11 6.76
CA PRO B 311 -0.30 15.52 8.07
C PRO B 311 0.32 16.34 9.19
N ASN B 312 0.94 17.46 8.85
CA ASN B 312 1.55 18.28 9.90
C ASN B 312 0.34 18.86 10.60
N ASP B 313 0.23 18.57 11.89
CA ASP B 313 -0.94 18.94 12.66
C ASP B 313 -0.99 20.34 13.22
N GLN B 314 -1.09 21.32 12.34
CA GLN B 314 -1.18 22.69 12.77
C GLN B 314 -2.56 23.14 12.39
N PHE B 315 -2.80 23.12 11.09
CA PHE B 315 -4.08 23.52 10.58
C PHE B 315 -5.15 22.57 11.08
N ARG B 316 -4.85 21.27 11.06
CA ARG B 316 -5.80 20.25 11.50
C ARG B 316 -6.14 20.36 12.97
N ARG B 317 -5.12 20.56 13.78
CA ARG B 317 -5.31 20.65 15.22
C ARG B 317 -6.20 21.84 15.45
N THR B 318 -5.97 22.87 14.67
CA THR B 318 -6.74 24.11 14.82
C THR B 318 -8.13 24.03 14.16
N PHE B 319 -8.24 23.37 12.97
CA PHE B 319 -9.52 23.20 12.25
C PHE B 319 -10.49 22.30 13.00
N ASN B 320 -9.98 21.25 13.68
CA ASN B 320 -10.78 20.29 14.46
C ASN B 320 -11.37 20.95 15.72
N ALA B 321 -10.72 22.03 16.21
CA ALA B 321 -11.13 22.81 17.38
C ALA B 321 -12.32 23.73 17.10
N ILE B 322 -12.51 24.14 15.81
CA ILE B 322 -13.60 25.03 15.34
C ILE B 322 -14.97 24.38 15.61
N GLU B 323 -15.94 25.18 16.09
CA GLU B 323 -17.30 24.74 16.42
C GLU B 323 -18.40 25.49 15.63
N ASP B 324 -17.98 26.31 14.65
CA ASP B 324 -18.89 27.08 13.79
C ASP B 324 -18.66 26.78 12.32
N ALA B 325 -19.75 26.49 11.59
CA ALA B 325 -19.78 26.14 10.16
C ALA B 325 -19.20 27.23 9.24
N SER B 326 -19.57 28.51 9.45
CA SER B 326 -19.06 29.61 8.62
C SER B 326 -17.56 29.88 8.88
N GLU B 327 -17.12 29.66 10.14
CA GLU B 327 -15.74 29.83 10.61
C GLU B 327 -14.81 28.76 10.01
N GLN B 328 -15.37 27.59 9.61
CA GLN B 328 -14.64 26.48 8.98
C GLN B 328 -14.26 26.84 7.55
N LEU B 329 -15.25 27.30 6.73
CA LEU B 329 -15.05 27.71 5.35
C LEU B 329 -14.04 28.87 5.25
N GLU B 330 -14.06 29.80 6.24
CA GLU B 330 -13.13 30.92 6.34
C GLU B 330 -11.71 30.45 6.66
N ALA B 331 -11.57 29.51 7.62
CA ALA B 331 -10.29 28.93 8.02
C ALA B 331 -9.71 28.05 6.91
N LEU B 332 -10.59 27.40 6.11
CA LEU B 332 -10.20 26.55 4.98
C LEU B 332 -9.56 27.39 3.86
N GLU B 333 -10.19 28.55 3.55
CA GLU B 333 -9.77 29.52 2.53
C GLU B 333 -8.51 30.31 2.97
N ALA B 334 -8.17 30.24 4.28
CA ALA B 334 -7.01 30.88 4.91
C ALA B 334 -5.75 30.00 4.76
N TYR B 335 -5.90 28.67 4.97
CA TYR B 335 -4.84 27.68 4.85
C TYR B 335 -4.33 27.53 3.42
N PHE B 336 -5.25 27.48 2.44
CA PHE B 336 -4.93 27.33 1.01
C PHE B 336 -4.30 28.57 0.36
N GLU B 337 -4.42 29.74 1.00
CA GLU B 337 -3.89 31.01 0.50
C GLU B 337 -2.39 31.21 0.81
N ASN B 338 -1.84 30.43 1.78
CA ASN B 338 -0.42 30.48 2.17
C ASN B 338 0.48 29.95 1.05
N1 FMN C . 17.97 5.03 4.07
C2 FMN C . 19.31 5.12 3.93
O2 FMN C . 19.74 5.44 2.79
N3 FMN C . 20.14 4.84 4.96
C4 FMN C . 19.70 4.52 6.21
O4 FMN C . 20.51 4.32 7.15
C4A FMN C . 18.23 4.46 6.43
N5 FMN C . 17.64 4.16 7.62
C5A FMN C . 16.29 4.04 7.75
C6 FMN C . 15.74 3.68 8.97
C7 FMN C . 14.35 3.60 9.13
C7M FMN C . 13.79 3.21 10.48
C8 FMN C . 13.44 3.85 7.97
C8M FMN C . 11.94 3.73 8.05
C9 FMN C . 14.00 4.19 6.75
C9A FMN C . 15.39 4.29 6.59
N10 FMN C . 16.00 4.61 5.35
C10 FMN C . 17.39 4.74 5.24
C1' FMN C . 15.23 4.89 4.16
C2' FMN C . 14.64 3.61 3.62
O2' FMN C . 15.60 3.09 2.68
C3' FMN C . 13.22 3.90 3.11
O3' FMN C . 12.26 3.16 3.87
C4' FMN C . 13.14 3.63 1.63
O4' FMN C . 14.23 4.42 1.08
C5' FMN C . 11.76 4.02 1.06
O5' FMN C . 10.66 3.47 1.77
P FMN C . 10.13 1.96 1.61
O1P FMN C . 8.67 2.16 1.29
O2P FMN C . 10.95 1.28 0.56
O3P FMN C . 10.40 1.43 3.00
HN3 FMN C . 21.15 4.98 4.83
H6 FMN C . 16.39 3.50 9.82
HM71 FMN C . 13.18 4.00 10.84
HM72 FMN C . 14.58 3.03 11.16
HM73 FMN C . 13.22 2.33 10.37
HM81 FMN C . 11.67 2.93 8.70
HM82 FMN C . 11.54 3.54 7.08
HM83 FMN C . 11.53 4.63 8.42
H9 FMN C . 13.33 4.38 5.92
H1'1 FMN C . 14.47 5.62 4.42
H1'2 FMN C . 15.85 5.32 3.38
H2' FMN C . 14.55 2.87 4.43
HO2' FMN C . 16.43 2.91 3.13
H3' FMN C . 12.97 4.97 3.22
HO3' FMN C . 11.66 3.77 4.33
H4' FMN C . 13.30 2.56 1.44
HO4' FMN C . 13.92 5.30 0.83
H5'1 FMN C . 11.67 5.10 1.14
H5'2 FMN C . 11.68 3.77 0.02
C1 GOL D . 15.46 8.15 3.43
O1 GOL D . 14.11 8.08 3.88
C2 GOL D . 15.49 7.66 2.01
O2 GOL D . 14.82 8.62 1.25
C3 GOL D . 16.90 7.48 1.46
O3 GOL D . 16.87 7.70 0.01
H11 GOL D . 15.71 9.19 3.41
H12 GOL D . 16.14 7.59 4.08
HO1 GOL D . 14.08 8.46 4.76
H2 GOL D . 14.95 6.72 1.97
HO2 GOL D . 13.94 8.74 1.61
H31 GOL D . 17.58 8.14 1.96
H32 GOL D . 17.25 6.48 1.71
HO3 GOL D . 17.76 7.67 -0.35
S SO4 E . 5.21 14.66 -9.21
O1 SO4 E . 6.63 14.72 -9.56
O2 SO4 E . 4.63 13.44 -9.77
O3 SO4 E . 5.02 14.65 -7.76
O4 SO4 E . 4.54 15.85 -9.75
S SO4 F . 31.68 -3.61 7.00
O1 SO4 F . 31.49 -4.71 6.03
O2 SO4 F . 32.57 -4.07 8.07
O3 SO4 F . 32.27 -2.47 6.33
O4 SO4 F . 30.37 -3.24 7.56
S SO4 G . 10.66 -8.10 -17.17
O1 SO4 G . 11.27 -7.67 -15.90
O2 SO4 G . 10.14 -9.47 -17.04
O3 SO4 G . 11.68 -8.06 -18.22
O4 SO4 G . 9.56 -7.20 -17.53
S SO4 H . 14.70 -2.80 28.70
O1 SO4 H . 14.93 -4.12 29.27
O2 SO4 H . 15.41 -2.68 27.42
O3 SO4 H . 15.21 -1.79 29.63
O4 SO4 H . 13.28 -2.59 28.49
N1 FMN I . -17.68 -2.52 2.92
C2 FMN I . -18.98 -2.87 2.77
O2 FMN I . -19.25 -3.84 2.03
N3 FMN I . -19.97 -2.21 3.41
C4 FMN I . -19.75 -1.22 4.27
O4 FMN I . -20.71 -0.68 4.85
C4A FMN I . -18.34 -0.83 4.58
N5 FMN I . -18.00 0.15 5.43
C5A FMN I . -16.70 0.51 5.60
C6 FMN I . -16.41 1.54 6.47
C7 FMN I . -15.10 1.93 6.71
C7M FMN I . -14.84 3.06 7.64
C8 FMN I . -13.98 1.29 5.94
C8M FMN I . -12.55 1.69 6.19
C9 FMN I . -14.26 0.25 5.08
C9A FMN I . -15.59 -0.19 4.87
N10 FMN I . -15.93 -1.21 3.97
C10 FMN I . -17.29 -1.56 3.81
C1' FMN I . -14.93 -1.93 3.17
C2' FMN I . -14.69 -1.25 1.85
O2' FMN I . -15.92 -1.23 1.10
C3' FMN I . -13.63 -1.98 1.05
O3' FMN I . -14.10 -3.28 0.68
C4' FMN I . -12.25 -2.10 1.71
O4' FMN I . -11.98 -0.90 2.43
C5' FMN I . -11.23 -2.43 0.60
O5' FMN I . -10.04 -1.68 0.65
P FMN I . -9.84 -0.24 -0.03
O1P FMN I . -10.22 -0.26 -1.46
O2P FMN I . -10.70 0.63 0.83
O3P FMN I . -8.35 -0.03 0.17
HN3 FMN I . -20.94 -2.56 3.31
H6 FMN I . -17.23 2.05 6.97
HM71 FMN I . -15.75 3.45 8.01
HM72 FMN I . -14.32 3.83 7.11
HM73 FMN I . -14.24 2.72 8.44
HM81 FMN I . -12.45 2.73 6.10
HM82 FMN I . -11.92 1.22 5.48
HM83 FMN I . -12.26 1.39 7.16
H9 FMN I . -13.44 -0.23 4.57
H1'1 FMN I . -14.01 -2.09 3.73
H1'2 FMN I . -15.32 -2.91 2.91
H2' FMN I . -14.36 -0.21 2.04
HO2' FMN I . -15.77 -1.36 0.15
H3' FMN I . -13.50 -1.40 0.13
HO3' FMN I . -13.49 -4.00 0.92
H4' FMN I . -12.24 -2.93 2.43
HO4' FMN I . -11.11 -0.94 2.84
H5'1 FMN I . -10.98 -3.49 0.65
H5'2 FMN I . -11.67 -2.25 -0.38
C1 GOL J . -18.86 12.65 -14.33
O1 GOL J . -19.99 12.22 -15.11
C2 GOL J . -17.59 12.88 -15.16
O2 GOL J . -16.74 13.81 -14.48
C3 GOL J . -16.78 11.62 -15.44
O3 GOL J . -17.12 11.06 -16.73
H11 GOL J . -18.66 11.91 -13.56
H12 GOL J . -19.12 13.58 -13.82
HO1 GOL J . -20.80 12.34 -14.59
H2 GOL J . -17.89 13.31 -16.13
HO2 GOL J . -16.15 14.22 -15.10
H31 GOL J . -15.71 11.87 -15.45
H32 GOL J . -16.94 10.89 -14.65
HO3 GOL J . -16.44 10.43 -17.00
S SO4 K . -14.90 -5.56 3.82
O1 SO4 K . -14.52 -5.79 5.19
O2 SO4 K . -14.90 -6.79 3.04
O3 SO4 K . -13.89 -4.69 3.32
O4 SO4 K . -16.25 -4.99 3.74
S SO4 L . -6.17 -21.39 1.45
O1 SO4 L . -5.42 -22.61 1.75
O2 SO4 L . -7.27 -21.25 2.41
O3 SO4 L . -5.24 -20.25 1.53
O4 SO4 L . -6.73 -21.47 0.09
S SO4 M . -13.19 2.14 -19.95
O1 SO4 M . -12.18 1.55 -20.83
O2 SO4 M . -12.73 2.02 -18.56
O3 SO4 M . -14.45 1.42 -20.11
O4 SO4 M . -13.38 3.55 -20.30
S SO4 N . -18.70 -1.62 9.33
O1 SO4 N . -17.50 -0.78 9.26
O2 SO4 N . -18.31 -3.04 9.46
O3 SO4 N . -19.48 -1.24 10.52
O4 SO4 N . -19.52 -1.44 8.13
N1 EPE O . -35.56 9.22 -3.39
C2 EPE O . -36.74 10.00 -3.83
C3 EPE O . -38.04 9.20 -3.78
N4 EPE O . -37.97 8.09 -2.81
C5 EPE O . -37.18 8.46 -1.62
C6 EPE O . -35.72 8.74 -1.99
C7 EPE O . -39.30 7.56 -2.47
C8 EPE O . -39.86 6.74 -3.63
O8 EPE O . -40.63 7.57 -4.50
C9 EPE O . -35.12 8.16 -4.34
C10 EPE O . -34.57 8.70 -5.67
S EPE O . -33.39 9.85 -5.47
O1S EPE O . -32.55 9.51 -4.30
O2S EPE O . -32.55 9.89 -6.69
O3S EPE O . -33.99 11.18 -5.27
H21 EPE O . -36.59 10.39 -4.84
H22 EPE O . -36.85 10.87 -3.18
H31 EPE O . -38.24 8.79 -4.79
H32 EPE O . -38.86 9.86 -3.53
H51 EPE O . -37.21 7.65 -0.88
H52 EPE O . -37.62 9.35 -1.16
H61 EPE O . -35.14 7.83 -1.83
H62 EPE O . -35.33 9.50 -1.32
H71 EPE O . -39.98 8.39 -2.23
H72 EPE O . -39.24 6.93 -1.58
H81 EPE O . -40.49 5.94 -3.23
H82 EPE O . -39.04 6.28 -4.18
HO8 EPE O . -40.56 7.23 -5.41
H91 EPE O . -34.34 7.56 -3.88
H92 EPE O . -35.96 7.50 -4.56
H101 EPE O . -34.15 7.86 -6.23
H102 EPE O . -35.39 9.11 -6.27
#